data_4YQX
#
_entry.id   4YQX
#
_cell.length_a   99.024
_cell.length_b   99.024
_cell.length_c   198.700
_cell.angle_alpha   90.000
_cell.angle_beta   90.000
_cell.angle_gamma   120.000
#
_symmetry.space_group_name_H-M   'P 31 2 1'
#
loop_
_entity.id
_entity.type
_entity.pdbx_description
1 polymer 'JES6-1 VH domain'
2 polymer 'JES6-1 VL domain'
3 polymer Interleukin-2
4 branched alpha-L-fucopyranose-(1-3)-[2-acetamido-2-deoxy-beta-D-glucopyranose-(1-4)][alpha-L-fucopyranose-(1-6)]2-acetamido-2-deoxy-beta-D-glucopyranose
5 branched 2-acetamido-2-deoxy-beta-D-glucopyranose-(1-4)-2-acetamido-2-deoxy-beta-D-glucopyranose
6 water water
#
loop_
_entity_poly.entity_id
_entity_poly.type
_entity_poly.pdbx_seq_one_letter_code
_entity_poly.pdbx_strand_id
1 'polypeptide(L)'
;GSEIQLQQSGPELRRPGSSVKLSCKASGYNITDYLIHWVRHRPEHGLEWIGWIDPEDGETRYAQKFQSKATLTADTSSNA
AYMQLSSLTPEDTATYFCARSLDSTYIYPFAYWGQGTLVTVSS
;
H,N
2 'polypeptide(L)'
;GSDIVMTQSPFSLAVSEGEMVTINCKSSQSLLSSGNQKNYLAWYQQKPGQSPKLLIYYASTGQSGVPDRFIGSGSGTDFT
LTISDVQAEDLADYYCLQHYISPPTFGAGTKLELKAAA
;
L,O
3 'polypeptide(L)'
;GPGSHLEQLLMDLQELLSRMENYRNLKLPRMLTFKFYLPKQATELKDLQCLEDELGPLRHVLDLTQSKSFQLEDAENFIS
NIRVTVVKLKGSDNTFECQFDDESATVVDFLRRWIAFCQSIISTSPQAAA
;
A,M
#
# COMPACT_ATOMS: atom_id res chain seq x y z
N GLU A 3 14.20 -18.99 18.70
CA GLU A 3 15.61 -19.18 19.03
C GLU A 3 16.30 -17.87 19.38
N ILE A 4 15.96 -16.81 18.64
CA ILE A 4 16.49 -15.48 18.91
C ILE A 4 15.84 -14.91 20.16
N GLN A 5 16.64 -14.45 21.11
CA GLN A 5 16.10 -13.92 22.35
C GLN A 5 16.91 -12.75 22.86
N LEU A 6 16.23 -11.84 23.56
CA LEU A 6 16.88 -10.72 24.23
C LEU A 6 16.45 -10.69 25.70
N GLN A 7 17.36 -11.00 26.59
CA GLN A 7 17.07 -11.05 28.03
C GLN A 7 17.48 -9.74 28.70
N GLN A 8 16.50 -9.06 29.29
CA GLN A 8 16.78 -7.79 29.94
C GLN A 8 16.97 -7.94 31.45
N SER A 9 17.67 -6.98 32.06
CA SER A 9 17.91 -7.00 33.49
C SER A 9 16.61 -6.71 34.25
N GLY A 10 16.61 -6.96 35.56
CA GLY A 10 15.40 -6.82 36.36
C GLY A 10 14.96 -5.41 36.69
N PRO A 11 13.83 -5.27 37.39
CA PRO A 11 13.21 -4.00 37.79
C PRO A 11 14.14 -3.12 38.62
N GLU A 12 13.96 -1.81 38.52
CA GLU A 12 14.80 -0.85 39.23
C GLU A 12 13.96 0.21 39.95
N LEU A 13 14.48 0.73 41.05
CA LEU A 13 13.83 1.80 41.78
C LEU A 13 14.81 2.96 41.98
N ARG A 14 14.45 4.16 41.54
CA ARG A 14 15.35 5.29 41.68
C ARG A 14 14.63 6.52 42.18
N ARG A 15 15.36 7.36 42.93
CA ARG A 15 14.88 8.69 43.32
C ARG A 15 15.20 9.65 42.17
N PRO A 16 14.46 10.78 42.08
CA PRO A 16 14.73 11.72 40.98
C PRO A 16 16.16 12.26 41.05
N GLY A 17 16.76 12.49 39.88
CA GLY A 17 18.13 12.96 39.82
C GLY A 17 19.16 11.83 39.78
N SER A 18 18.69 10.61 39.98
CA SER A 18 19.56 9.45 40.00
C SER A 18 19.83 8.92 38.59
N SER A 19 20.62 7.84 38.52
CA SER A 19 20.90 7.16 37.25
C SER A 19 20.55 5.70 37.31
N VAL A 20 20.40 5.08 36.14
CA VAL A 20 20.19 3.65 36.07
C VAL A 20 20.80 3.12 34.78
N LYS A 21 21.41 1.94 34.86
CA LYS A 21 21.97 1.29 33.68
C LYS A 21 21.29 -0.05 33.44
N LEU A 22 20.60 -0.17 32.30
CA LEU A 22 19.88 -1.39 31.95
C LEU A 22 20.69 -2.24 30.97
N SER A 23 20.54 -3.56 31.04
CA SER A 23 21.29 -4.43 30.13
C SER A 23 20.36 -5.28 29.25
N CYS A 24 20.88 -5.67 28.09
CA CYS A 24 20.14 -6.46 27.11
C CYS A 24 21.06 -7.54 26.54
N LYS A 25 20.98 -8.75 27.09
CA LYS A 25 21.84 -9.85 26.67
C LYS A 25 21.22 -10.62 25.51
N ALA A 26 21.94 -10.75 24.41
CA ALA A 26 21.42 -11.46 23.25
C ALA A 26 21.87 -12.92 23.23
N SER A 27 20.95 -13.81 22.87
CA SER A 27 21.31 -15.22 22.66
C SER A 27 20.64 -15.74 21.40
N GLY A 28 21.21 -16.79 20.82
CA GLY A 28 20.70 -17.34 19.58
C GLY A 28 21.32 -16.72 18.35
N TYR A 29 22.03 -15.60 18.55
CA TYR A 29 22.68 -14.91 17.43
C TYR A 29 23.79 -13.98 17.94
N ASN A 30 24.64 -13.53 17.02
CA ASN A 30 25.73 -12.62 17.36
C ASN A 30 25.22 -11.18 17.32
N ILE A 31 25.31 -10.50 18.45
CA ILE A 31 24.72 -9.17 18.60
C ILE A 31 25.33 -8.14 17.63
N THR A 32 26.52 -8.45 17.14
CA THR A 32 27.20 -7.61 16.16
C THR A 32 26.43 -7.51 14.84
N ASP A 33 25.75 -8.59 14.46
CA ASP A 33 25.16 -8.72 13.13
C ASP A 33 23.99 -7.76 12.88
N TYR A 34 23.34 -7.30 13.94
CA TYR A 34 22.18 -6.43 13.80
C TYR A 34 22.26 -5.24 14.75
N LEU A 35 21.40 -4.25 14.55
CA LEU A 35 21.35 -3.10 15.44
C LEU A 35 20.51 -3.42 16.66
N ILE A 36 20.71 -2.64 17.72
CA ILE A 36 19.89 -2.72 18.92
C ILE A 36 19.17 -1.40 19.16
N HIS A 37 17.84 -1.45 19.23
CA HIS A 37 17.01 -0.28 19.49
C HIS A 37 16.49 -0.31 20.93
N TRP A 38 16.31 0.87 21.51
CA TRP A 38 15.68 0.98 22.81
C TRP A 38 14.40 1.81 22.70
N VAL A 39 13.34 1.27 23.27
CA VAL A 39 12.01 1.87 23.22
C VAL A 39 11.37 1.73 24.59
N ARG A 40 10.77 2.81 25.09
CA ARG A 40 10.08 2.74 26.37
C ARG A 40 8.57 2.86 26.22
N HIS A 41 7.85 2.30 27.19
CA HIS A 41 6.39 2.36 27.20
C HIS A 41 5.89 2.99 28.49
N ARG A 42 5.06 4.03 28.36
CA ARG A 42 4.37 4.60 29.51
C ARG A 42 2.87 4.54 29.28
N PRO A 43 2.13 3.88 30.19
CA PRO A 43 0.70 3.57 30.03
C PRO A 43 -0.17 4.75 29.58
N GLU A 44 0.26 5.97 29.87
CA GLU A 44 -0.51 7.14 29.51
C GLU A 44 0.01 7.82 28.25
N HIS A 45 1.25 7.53 27.86
CA HIS A 45 1.88 8.18 26.71
C HIS A 45 2.27 7.22 25.58
N GLY A 46 2.00 5.93 25.75
CA GLY A 46 2.29 4.94 24.73
C GLY A 46 3.76 4.66 24.51
N LEU A 47 4.13 4.39 23.26
CA LEU A 47 5.49 3.97 22.89
C LEU A 47 6.32 5.14 22.39
N GLU A 48 7.62 5.08 22.71
CA GLU A 48 8.56 6.18 22.48
C GLU A 48 9.94 5.63 22.21
N TRP A 49 10.50 5.94 21.05
CA TRP A 49 11.82 5.45 20.67
C TRP A 49 12.94 6.28 21.32
N ILE A 50 13.96 5.61 21.84
CA ILE A 50 15.01 6.29 22.57
C ILE A 50 16.28 6.49 21.74
N GLY A 51 16.76 5.41 21.13
CA GLY A 51 17.95 5.48 20.31
C GLY A 51 18.36 4.11 19.81
N TRP A 52 19.35 4.05 18.92
CA TRP A 52 19.92 2.75 18.53
C TRP A 52 21.44 2.75 18.55
N ILE A 53 22.01 1.55 18.52
CA ILE A 53 23.45 1.40 18.51
C ILE A 53 23.84 0.27 17.55
N ASP A 54 24.93 0.48 16.82
CA ASP A 54 25.53 -0.56 15.99
C ASP A 54 26.65 -1.23 16.76
N PRO A 55 26.39 -2.42 17.33
CA PRO A 55 27.31 -3.14 18.22
C PRO A 55 28.64 -3.55 17.56
N GLU A 56 28.71 -3.51 16.23
CA GLU A 56 29.93 -3.88 15.55
C GLU A 56 30.99 -2.79 15.69
N ASP A 57 30.61 -1.54 15.46
CA ASP A 57 31.58 -0.44 15.47
C ASP A 57 31.24 0.62 16.51
N GLY A 58 30.08 0.48 17.13
CA GLY A 58 29.69 1.35 18.24
C GLY A 58 28.96 2.63 17.89
N GLU A 59 28.54 2.80 16.63
CA GLU A 59 27.80 4.00 16.25
C GLU A 59 26.49 4.09 17.00
N THR A 60 26.18 5.29 17.47
CA THR A 60 24.94 5.53 18.20
C THR A 60 24.15 6.66 17.55
N ARG A 61 22.84 6.54 17.62
CA ARG A 61 21.91 7.56 17.16
C ARG A 61 20.85 7.79 18.23
N TYR A 62 20.65 9.03 18.63
CA TYR A 62 19.70 9.35 19.71
C TYR A 62 18.56 10.24 19.26
N ALA A 63 17.40 10.08 19.89
CA ALA A 63 16.36 11.10 19.78
C ALA A 63 16.80 12.30 20.60
N GLN A 64 16.56 13.51 20.08
CA GLN A 64 17.05 14.74 20.71
C GLN A 64 16.58 14.88 22.15
N LYS A 65 15.38 14.36 22.42
CA LYS A 65 14.81 14.34 23.75
C LYS A 65 15.70 13.62 24.76
N PHE A 66 16.49 12.66 24.29
CA PHE A 66 17.27 11.81 25.18
C PHE A 66 18.78 11.97 25.04
N GLN A 67 19.23 12.91 24.22
CA GLN A 67 20.67 13.04 23.95
C GLN A 67 21.49 13.31 25.20
N SER A 68 21.03 14.23 26.04
CA SER A 68 21.74 14.53 27.27
C SER A 68 21.49 13.45 28.33
N LYS A 69 20.27 12.92 28.38
CA LYS A 69 19.89 11.93 29.40
C LYS A 69 20.48 10.54 29.17
N ALA A 70 20.53 10.10 27.92
CA ALA A 70 20.81 8.69 27.62
C ALA A 70 22.18 8.42 27.00
N THR A 71 22.70 7.24 27.26
CA THR A 71 23.96 6.78 26.70
C THR A 71 23.90 5.29 26.38
N LEU A 72 23.98 4.96 25.09
CA LEU A 72 23.92 3.57 24.64
C LEU A 72 25.32 2.95 24.53
N THR A 73 25.40 1.65 24.76
CA THR A 73 26.67 0.95 24.87
C THR A 73 26.53 -0.53 24.54
N ALA A 74 27.54 -1.11 23.92
CA ALA A 74 27.56 -2.55 23.68
C ALA A 74 28.91 -3.12 24.08
N ASP A 75 28.93 -4.41 24.41
CA ASP A 75 30.19 -5.12 24.65
C ASP A 75 30.16 -6.42 23.87
N THR A 76 30.99 -6.51 22.84
CA THR A 76 31.00 -7.66 21.95
C THR A 76 31.30 -8.94 22.71
N SER A 77 32.22 -8.86 23.67
CA SER A 77 32.60 -10.01 24.48
C SER A 77 31.42 -10.64 25.20
N SER A 78 30.54 -9.80 25.75
CA SER A 78 29.40 -10.25 26.53
C SER A 78 28.17 -10.55 25.68
N ASN A 79 28.25 -10.20 24.39
CA ASN A 79 27.12 -10.32 23.47
C ASN A 79 25.94 -9.54 24.01
N ALA A 80 26.21 -8.33 24.48
CA ALA A 80 25.21 -7.56 25.22
C ALA A 80 25.24 -6.08 24.89
N ALA A 81 24.07 -5.45 25.01
CA ALA A 81 23.93 -4.01 24.84
C ALA A 81 23.45 -3.38 26.15
N TYR A 82 23.72 -2.09 26.31
CA TYR A 82 23.41 -1.42 27.56
C TYR A 82 22.78 -0.06 27.30
N MET A 83 21.93 0.37 28.23
CA MET A 83 21.42 1.74 28.19
C MET A 83 21.49 2.41 29.56
N GLN A 84 22.08 3.60 29.60
CA GLN A 84 22.12 4.36 30.82
C GLN A 84 21.26 5.63 30.72
N LEU A 85 20.40 5.84 31.71
CA LEU A 85 19.66 7.09 31.84
C LEU A 85 20.12 7.84 33.07
N SER A 86 20.41 9.12 32.90
CA SER A 86 20.85 9.96 34.00
C SER A 86 19.81 11.05 34.23
N SER A 87 19.94 11.75 35.35
CA SER A 87 19.03 12.84 35.71
C SER A 87 17.58 12.38 35.61
N LEU A 88 17.25 11.29 36.32
CA LEU A 88 15.93 10.69 36.21
C LEU A 88 14.85 11.58 36.81
N THR A 89 13.68 11.55 36.18
CA THR A 89 12.52 12.28 36.67
C THR A 89 11.35 11.29 36.76
N PRO A 90 10.32 11.62 37.55
CA PRO A 90 9.16 10.71 37.61
C PRO A 90 8.52 10.44 36.25
N GLU A 91 8.65 11.35 35.30
CA GLU A 91 8.10 11.11 33.96
C GLU A 91 8.87 10.00 33.26
N ASP A 92 10.06 9.69 33.77
CA ASP A 92 10.90 8.65 33.18
C ASP A 92 10.48 7.26 33.67
N THR A 93 9.46 7.20 34.53
CA THR A 93 8.90 5.93 34.96
C THR A 93 8.26 5.23 33.77
N ALA A 94 8.80 4.06 33.41
CA ALA A 94 8.33 3.37 32.23
C ALA A 94 8.79 1.93 32.21
N THR A 95 8.32 1.21 31.21
CA THR A 95 8.89 -0.08 30.87
C THR A 95 9.83 0.11 29.68
N TYR A 96 11.10 -0.23 29.85
CA TYR A 96 12.10 -0.01 28.82
C TYR A 96 12.39 -1.31 28.09
N PHE A 97 12.18 -1.28 26.77
CA PHE A 97 12.41 -2.45 25.92
C PHE A 97 13.67 -2.32 25.08
N CYS A 98 14.40 -3.41 24.88
CA CYS A 98 15.37 -3.43 23.81
C CYS A 98 14.81 -4.27 22.68
N ALA A 99 15.20 -3.91 21.46
CA ALA A 99 14.75 -4.65 20.30
C ALA A 99 15.86 -4.70 19.26
N ARG A 100 15.70 -5.60 18.31
CA ARG A 100 16.71 -5.83 17.29
C ARG A 100 16.19 -5.32 15.95
N SER A 101 17.08 -4.84 15.10
CA SER A 101 16.65 -4.48 13.76
C SER A 101 16.18 -5.74 13.06
N LEU A 102 15.29 -5.58 12.08
CA LEU A 102 14.71 -6.73 11.40
C LEU A 102 15.73 -7.38 10.47
N ASP A 103 16.43 -6.57 9.69
CA ASP A 103 17.45 -7.07 8.77
C ASP A 103 18.82 -6.61 9.25
N SER A 104 19.88 -7.20 8.70
CA SER A 104 21.24 -6.73 8.97
C SER A 104 21.59 -5.49 8.14
N THR A 105 20.90 -5.32 7.01
CA THR A 105 21.16 -4.21 6.09
C THR A 105 20.39 -2.94 6.49
N TYR A 106 19.13 -3.11 6.87
CA TYR A 106 18.27 -1.96 7.15
C TYR A 106 18.16 -1.71 8.65
N ILE A 107 18.09 -0.43 9.02
CA ILE A 107 18.09 -0.01 10.41
C ILE A 107 16.76 -0.29 11.09
N TYR A 108 15.68 0.00 10.36
CA TYR A 108 14.32 -0.19 10.86
C TYR A 108 13.61 -1.27 10.02
N PRO A 109 12.51 -1.83 10.53
CA PRO A 109 11.89 -1.66 11.85
C PRO A 109 12.52 -2.58 12.88
N PHE A 110 12.08 -2.48 14.13
CA PHE A 110 12.61 -3.34 15.18
C PHE A 110 11.69 -4.52 15.42
N ALA A 111 12.31 -5.63 15.81
CA ALA A 111 11.61 -6.89 16.06
C ALA A 111 12.29 -7.67 17.20
N TYR A 112 11.72 -8.82 17.57
CA TYR A 112 12.33 -9.69 18.58
C TYR A 112 12.63 -8.94 19.88
N TRP A 113 11.64 -8.25 20.42
CA TRP A 113 11.81 -7.41 21.61
C TRP A 113 12.11 -8.22 22.88
N GLY A 114 12.74 -7.57 23.85
CA GLY A 114 13.01 -8.18 25.13
C GLY A 114 11.78 -8.16 26.02
N GLN A 115 11.89 -8.75 27.21
CA GLN A 115 10.71 -8.84 28.07
C GLN A 115 10.43 -7.51 28.76
N GLY A 116 11.31 -6.54 28.57
CA GLY A 116 11.14 -5.21 29.15
C GLY A 116 11.67 -5.10 30.57
N THR A 117 12.15 -3.91 30.91
CA THR A 117 12.64 -3.64 32.25
C THR A 117 11.83 -2.50 32.87
N LEU A 118 11.15 -2.79 33.97
CA LEU A 118 10.39 -1.76 34.66
C LEU A 118 11.28 -0.86 35.51
N VAL A 119 11.25 0.44 35.20
CA VAL A 119 11.98 1.43 35.99
C VAL A 119 10.97 2.37 36.64
N THR A 120 11.03 2.45 37.96
CA THR A 120 10.11 3.25 38.75
C THR A 120 10.86 4.37 39.45
N VAL A 121 10.45 5.60 39.17
CA VAL A 121 11.09 6.79 39.74
C VAL A 121 10.11 7.48 40.66
N SER A 122 10.44 7.54 41.94
CA SER A 122 9.51 8.11 42.92
C SER A 122 10.02 9.38 43.55
N SER A 123 9.17 10.40 43.55
CA SER A 123 9.50 11.69 44.16
C SER A 123 9.82 11.57 45.65
N GLY B 1 8.51 19.64 17.32
CA GLY B 1 7.96 20.33 16.17
C GLY B 1 8.43 19.77 14.83
N SER B 2 9.68 19.34 14.76
CA SER B 2 10.21 18.77 13.53
C SER B 2 9.72 17.35 13.27
N ASP B 3 9.45 16.61 14.35
CA ASP B 3 9.11 15.20 14.24
C ASP B 3 7.87 14.93 13.40
N ILE B 4 7.87 13.78 12.73
CA ILE B 4 6.71 13.35 11.96
C ILE B 4 5.65 12.85 12.92
N VAL B 5 4.41 13.32 12.74
CA VAL B 5 3.33 13.02 13.69
C VAL B 5 2.40 11.93 13.18
N MET B 6 2.20 10.91 14.01
CA MET B 6 1.28 9.81 13.69
C MET B 6 -0.06 10.00 14.38
N THR B 7 -1.11 10.23 13.59
CA THR B 7 -2.45 10.31 14.17
C THR B 7 -3.21 9.00 13.94
N GLN B 8 -3.33 8.24 15.02
CA GLN B 8 -3.94 6.92 14.99
C GLN B 8 -5.32 6.95 15.60
N SER B 9 -6.27 6.32 14.94
CA SER B 9 -7.62 6.21 15.44
C SER B 9 -8.22 4.86 15.04
N PRO B 10 -9.17 4.35 15.83
CA PRO B 10 -9.67 4.94 17.08
C PRO B 10 -8.83 4.58 18.30
N PHE B 11 -9.03 5.29 19.40
CA PHE B 11 -8.30 5.04 20.63
C PHE B 11 -8.69 3.70 21.26
N SER B 12 -10.00 3.43 21.32
CA SER B 12 -10.55 2.18 21.87
C SER B 12 -11.60 1.58 20.97
N LEU B 13 -11.73 0.26 21.02
CA LEU B 13 -12.65 -0.45 20.15
C LEU B 13 -13.05 -1.79 20.74
N ALA B 14 -14.34 -2.07 20.77
CA ALA B 14 -14.82 -3.38 21.21
C ALA B 14 -15.76 -3.92 20.15
N VAL B 15 -15.47 -5.12 19.67
CA VAL B 15 -16.29 -5.75 18.65
C VAL B 15 -16.53 -7.21 18.99
N SER B 16 -17.44 -7.83 18.25
CA SER B 16 -17.73 -9.26 18.43
C SER B 16 -16.80 -10.12 17.60
N GLU B 17 -16.68 -11.37 18.02
CA GLU B 17 -15.90 -12.39 17.33
C GLU B 17 -16.38 -12.51 15.88
N GLY B 18 -15.44 -12.56 14.94
CA GLY B 18 -15.77 -12.76 13.55
C GLY B 18 -15.99 -11.50 12.75
N GLU B 19 -16.20 -10.37 13.43
CA GLU B 19 -16.37 -9.11 12.75
C GLU B 19 -15.05 -8.61 12.24
N MET B 20 -15.08 -7.54 11.45
CA MET B 20 -13.88 -6.94 10.88
C MET B 20 -13.56 -5.64 11.57
N VAL B 21 -12.27 -5.39 11.75
CA VAL B 21 -11.78 -4.24 12.49
C VAL B 21 -10.91 -3.37 11.58
N THR B 22 -11.11 -2.07 11.69
CA THR B 22 -10.36 -1.10 10.90
C THR B 22 -9.65 -0.10 11.79
N ILE B 23 -8.32 -0.09 11.73
CA ILE B 23 -7.52 0.89 12.45
C ILE B 23 -6.88 1.81 11.43
N ASN B 24 -6.98 3.12 11.66
CA ASN B 24 -6.45 4.11 10.71
C ASN B 24 -5.27 4.86 11.31
N CYS B 25 -4.24 5.07 10.50
CA CYS B 25 -3.08 5.88 10.87
C CYS B 25 -2.88 6.95 9.80
N LYS B 26 -2.80 8.21 10.21
CA LYS B 26 -2.53 9.30 9.28
C LYS B 26 -1.22 10.02 9.64
N SER B 27 -0.38 10.29 8.64
CA SER B 27 0.92 10.91 8.86
C SER B 27 0.98 12.35 8.38
N SER B 28 1.77 13.18 9.06
CA SER B 28 1.91 14.60 8.71
C SER B 28 2.80 14.79 7.48
N GLN B 29 3.41 13.69 7.04
CA GLN B 29 4.33 13.70 5.91
C GLN B 29 4.21 12.39 5.15
N SER B 30 4.40 12.42 3.84
CA SER B 30 4.46 11.18 3.07
C SER B 30 5.59 10.28 3.57
N LEU B 31 5.32 8.98 3.65
CA LEU B 31 6.30 8.01 4.11
C LEU B 31 6.85 7.15 2.97
N LEU B 32 6.56 7.57 1.74
CA LEU B 32 6.93 6.82 0.57
C LEU B 32 8.35 7.19 0.11
N SER B 33 9.21 6.19 -0.05
CA SER B 33 10.55 6.40 -0.59
C SER B 33 10.50 6.38 -2.11
N SER B 34 11.05 7.41 -2.75
CA SER B 34 10.94 7.54 -4.20
C SER B 34 11.79 6.51 -4.95
N GLY B 35 12.86 6.05 -4.32
CA GLY B 35 13.74 5.08 -4.94
C GLY B 35 13.34 3.65 -4.69
N ASN B 36 12.95 3.36 -3.46
CA ASN B 36 12.58 2.01 -3.05
C ASN B 36 11.17 1.65 -3.51
N GLN B 37 10.33 2.68 -3.66
CA GLN B 37 8.90 2.52 -3.93
C GLN B 37 8.21 1.80 -2.77
N LYS B 38 8.76 1.96 -1.57
CA LYS B 38 8.15 1.35 -0.38
C LYS B 38 7.72 2.43 0.61
N ASN B 39 6.70 2.12 1.41
CA ASN B 39 6.26 3.03 2.47
C ASN B 39 6.89 2.62 3.79
N TYR B 40 7.63 3.52 4.42
CA TYR B 40 8.35 3.16 5.64
C TYR B 40 7.44 3.21 6.86
N LEU B 41 6.59 2.20 6.96
CA LEU B 41 5.61 2.11 8.05
C LEU B 41 5.42 0.67 8.53
N ALA B 42 5.29 0.51 9.85
CA ALA B 42 5.09 -0.81 10.43
C ALA B 42 3.91 -0.83 11.40
N TRP B 43 3.41 -2.03 11.70
CA TRP B 43 2.33 -2.22 12.68
C TRP B 43 2.78 -3.16 13.80
N TYR B 44 2.49 -2.79 15.04
CA TYR B 44 2.87 -3.62 16.17
C TYR B 44 1.66 -4.05 16.97
N GLN B 45 1.74 -5.24 17.54
CA GLN B 45 0.68 -5.78 18.37
C GLN B 45 1.24 -6.09 19.75
N GLN B 46 0.59 -5.59 20.79
CA GLN B 46 1.00 -5.94 22.14
C GLN B 46 -0.13 -6.60 22.92
N LYS B 47 -0.09 -7.94 23.00
CA LYS B 47 -1.06 -8.68 23.79
C LYS B 47 -0.78 -8.44 25.27
N PRO B 48 -1.81 -8.54 26.12
CA PRO B 48 -1.63 -8.30 27.55
C PRO B 48 -0.57 -9.21 28.18
N GLY B 49 0.33 -8.60 28.95
CA GLY B 49 1.38 -9.34 29.63
C GLY B 49 2.55 -9.72 28.74
N GLN B 50 2.63 -9.12 27.56
CA GLN B 50 3.66 -9.46 26.59
C GLN B 50 4.33 -8.23 26.00
N SER B 51 5.47 -8.44 25.35
CA SER B 51 6.15 -7.34 24.67
C SER B 51 5.49 -7.09 23.33
N PRO B 52 5.66 -5.87 22.79
CA PRO B 52 5.20 -5.59 21.43
C PRO B 52 5.83 -6.55 20.43
N LYS B 53 5.05 -6.91 19.42
CA LYS B 53 5.48 -7.83 18.38
C LYS B 53 5.22 -7.21 17.01
N LEU B 54 6.14 -7.38 16.06
CA LEU B 54 5.95 -6.86 14.71
C LEU B 54 4.93 -7.70 13.91
N LEU B 55 3.87 -7.05 13.43
CA LEU B 55 2.89 -7.71 12.56
C LEU B 55 3.22 -7.50 11.09
N ILE B 56 3.39 -6.24 10.72
CA ILE B 56 3.51 -5.84 9.32
C ILE B 56 4.56 -4.76 9.16
N TYR B 57 5.41 -4.90 8.14
CA TYR B 57 6.38 -3.85 7.81
C TYR B 57 6.25 -3.44 6.35
N TYR B 58 6.80 -2.28 6.02
CA TYR B 58 6.69 -1.69 4.67
C TYR B 58 5.22 -1.62 4.25
N ALA B 59 4.38 -1.25 5.22
CA ALA B 59 2.96 -0.95 5.03
C ALA B 59 2.08 -2.16 4.76
N SER B 60 2.55 -3.09 3.92
CA SER B 60 1.65 -4.15 3.49
C SER B 60 2.22 -5.55 3.60
N THR B 61 3.45 -5.67 4.10
CA THR B 61 4.12 -6.96 4.13
C THR B 61 4.09 -7.59 5.53
N GLY B 62 3.45 -8.75 5.64
CA GLY B 62 3.31 -9.41 6.92
C GLY B 62 4.55 -10.15 7.38
N GLN B 63 4.79 -10.14 8.68
CA GLN B 63 5.88 -10.89 9.28
C GLN B 63 5.53 -12.37 9.25
N SER B 64 6.54 -13.23 9.23
CA SER B 64 6.33 -14.68 9.25
C SER B 64 5.52 -15.11 10.47
N GLY B 65 4.53 -15.97 10.25
CA GLY B 65 3.70 -16.48 11.34
C GLY B 65 2.50 -15.61 11.69
N VAL B 66 2.36 -14.49 10.99
CA VAL B 66 1.21 -13.61 11.19
C VAL B 66 0.06 -14.07 10.31
N PRO B 67 -1.08 -14.45 10.94
CA PRO B 67 -2.22 -14.96 10.17
C PRO B 67 -2.70 -13.98 9.10
N ASP B 68 -3.36 -14.50 8.06
CA ASP B 68 -3.74 -13.69 6.92
C ASP B 68 -4.86 -12.70 7.22
N ARG B 69 -5.52 -12.88 8.37
CA ARG B 69 -6.58 -11.96 8.79
C ARG B 69 -6.05 -10.53 8.91
N PHE B 70 -4.74 -10.39 9.13
CA PHE B 70 -4.11 -9.08 9.26
C PHE B 70 -3.64 -8.54 7.92
N ILE B 71 -4.28 -7.47 7.48
CA ILE B 71 -3.94 -6.86 6.20
C ILE B 71 -3.60 -5.39 6.38
N GLY B 72 -2.38 -5.02 5.99
CA GLY B 72 -1.98 -3.63 5.96
C GLY B 72 -2.14 -3.07 4.56
N SER B 73 -2.65 -1.86 4.46
CA SER B 73 -2.80 -1.20 3.17
C SER B 73 -2.53 0.28 3.31
N GLY B 74 -2.43 0.99 2.19
CA GLY B 74 -2.22 2.41 2.25
C GLY B 74 -0.91 2.85 1.62
N SER B 75 -0.80 4.15 1.38
CA SER B 75 0.37 4.73 0.74
C SER B 75 0.42 6.21 1.03
N GLY B 76 1.63 6.79 0.97
CA GLY B 76 1.78 8.22 1.16
C GLY B 76 1.58 8.67 2.60
N THR B 77 0.38 9.16 2.91
CA THR B 77 0.10 9.73 4.22
C THR B 77 -1.05 9.04 4.95
N ASP B 78 -1.74 8.15 4.25
CA ASP B 78 -2.90 7.45 4.82
C ASP B 78 -2.68 5.95 4.84
N PHE B 79 -2.82 5.35 6.02
CA PHE B 79 -2.57 3.92 6.16
C PHE B 79 -3.65 3.23 7.00
N THR B 80 -3.87 1.94 6.70
CA THR B 80 -4.93 1.19 7.34
C THR B 80 -4.46 -0.20 7.74
N LEU B 81 -4.77 -0.59 8.98
CA LEU B 81 -4.61 -1.97 9.43
C LEU B 81 -5.97 -2.62 9.49
N THR B 82 -6.09 -3.78 8.85
CA THR B 82 -7.37 -4.47 8.82
C THR B 82 -7.25 -5.82 9.48
N ILE B 83 -8.18 -6.12 10.38
CA ILE B 83 -8.27 -7.47 10.92
C ILE B 83 -9.63 -8.04 10.56
N SER B 84 -9.65 -9.14 9.81
CA SER B 84 -10.91 -9.78 9.48
C SER B 84 -11.08 -11.06 10.29
N ASP B 85 -12.34 -11.46 10.52
CA ASP B 85 -12.66 -12.64 11.30
C ASP B 85 -11.93 -12.56 12.64
N VAL B 86 -12.10 -11.43 13.32
CA VAL B 86 -11.33 -11.14 14.52
C VAL B 86 -11.54 -12.24 15.56
N GLN B 87 -10.43 -12.65 16.18
CA GLN B 87 -10.43 -13.78 17.11
C GLN B 87 -10.20 -13.33 18.54
N ALA B 88 -10.53 -14.22 19.48
CA ALA B 88 -10.37 -13.92 20.89
C ALA B 88 -8.92 -13.56 21.21
N GLU B 89 -7.99 -14.19 20.49
CA GLU B 89 -6.55 -13.99 20.67
C GLU B 89 -6.06 -12.63 20.19
N ASP B 90 -6.93 -11.90 19.51
CA ASP B 90 -6.56 -10.60 18.95
C ASP B 90 -6.66 -9.47 19.97
N LEU B 91 -7.11 -9.83 21.18
CA LEU B 91 -7.14 -8.91 22.30
C LEU B 91 -5.77 -8.32 22.56
N ALA B 92 -5.59 -7.03 22.26
CA ALA B 92 -4.27 -6.39 22.35
C ALA B 92 -4.30 -4.88 22.14
N ASP B 93 -3.13 -4.26 22.32
CA ASP B 93 -2.90 -2.89 21.86
C ASP B 93 -2.23 -2.94 20.48
N TYR B 94 -2.57 -1.99 19.62
CA TYR B 94 -2.00 -1.92 18.28
C TYR B 94 -1.40 -0.54 18.04
N TYR B 95 -0.19 -0.51 17.51
CA TYR B 95 0.51 0.76 17.24
C TYR B 95 1.00 0.80 15.80
N CYS B 96 0.89 1.96 15.16
CA CYS B 96 1.60 2.19 13.90
C CYS B 96 2.94 2.83 14.19
N LEU B 97 3.93 2.54 13.36
CA LEU B 97 5.24 3.14 13.47
C LEU B 97 5.77 3.60 12.13
N GLN B 98 6.15 4.88 12.02
CA GLN B 98 6.84 5.36 10.83
C GLN B 98 8.33 5.37 11.07
N HIS B 99 9.10 5.15 10.00
CA HIS B 99 10.54 5.31 10.12
C HIS B 99 11.11 5.86 8.82
N TYR B 100 10.34 6.73 8.15
CA TYR B 100 10.80 7.37 6.93
C TYR B 100 11.95 8.33 7.24
N ILE B 101 11.78 9.12 8.30
CA ILE B 101 12.81 10.04 8.79
C ILE B 101 12.87 9.97 10.32
N SER B 102 14.08 9.83 10.86
CA SER B 102 14.25 9.74 12.30
C SER B 102 13.87 11.06 12.98
N PRO B 103 13.37 10.99 14.22
CA PRO B 103 13.16 9.76 14.99
C PRO B 103 11.91 9.03 14.55
N PRO B 104 11.96 7.70 14.58
CA PRO B 104 10.74 6.93 14.33
C PRO B 104 9.70 7.26 15.39
N THR B 105 8.43 7.38 14.99
CA THR B 105 7.40 7.79 15.93
C THR B 105 6.18 6.88 15.87
N PHE B 106 5.57 6.64 17.03
CA PHE B 106 4.42 5.76 17.16
C PHE B 106 3.10 6.52 17.16
N GLY B 107 2.03 5.87 16.71
CA GLY B 107 0.69 6.39 16.92
C GLY B 107 0.35 6.22 18.39
N ALA B 108 -0.74 6.84 18.83
CA ALA B 108 -1.09 6.82 20.24
C ALA B 108 -1.60 5.43 20.67
N GLY B 109 -1.93 4.59 19.70
CA GLY B 109 -2.35 3.23 19.98
C GLY B 109 -3.84 2.96 19.86
N THR B 110 -4.20 1.69 19.73
CA THR B 110 -5.60 1.26 19.70
C THR B 110 -5.81 0.03 20.59
N LYS B 111 -6.63 0.17 21.62
CA LYS B 111 -6.96 -0.97 22.47
C LYS B 111 -8.13 -1.72 21.86
N LEU B 112 -7.93 -3.00 21.60
CA LEU B 112 -8.98 -3.83 21.03
C LEU B 112 -9.47 -4.86 22.02
N GLU B 113 -10.78 -4.88 22.27
CA GLU B 113 -11.37 -5.89 23.13
C GLU B 113 -12.38 -6.69 22.34
N LEU B 114 -12.55 -7.96 22.70
CA LEU B 114 -13.46 -8.83 21.99
C LEU B 114 -14.63 -9.23 22.84
N LYS B 115 -15.76 -9.44 22.17
CA LYS B 115 -16.98 -9.91 22.81
C LYS B 115 -17.48 -11.15 22.08
N ALA B 116 -18.39 -11.90 22.70
CA ALA B 116 -18.95 -13.08 22.05
C ALA B 116 -19.78 -12.66 20.84
N ALA B 117 -19.99 -13.59 19.91
CA ALA B 117 -20.81 -13.33 18.73
C ALA B 117 -22.21 -13.94 18.91
N SER C 4 5.22 22.65 -7.41
CA SER C 4 6.15 23.75 -7.26
C SER C 4 7.59 23.26 -7.38
N HIS C 5 8.51 24.15 -7.72
CA HIS C 5 9.93 23.78 -7.78
C HIS C 5 10.49 23.59 -6.38
N LEU C 6 10.16 24.52 -5.48
CA LEU C 6 10.58 24.41 -4.10
C LEU C 6 10.01 23.15 -3.47
N GLU C 7 8.81 22.77 -3.90
CA GLU C 7 8.18 21.53 -3.46
C GLU C 7 9.05 20.34 -3.87
N GLN C 8 9.57 20.39 -5.08
CA GLN C 8 10.39 19.31 -5.61
C GLN C 8 11.72 19.21 -4.88
N LEU C 9 12.32 20.35 -4.58
CA LEU C 9 13.61 20.39 -3.89
C LEU C 9 13.51 19.77 -2.50
N LEU C 10 12.47 20.15 -1.78
CA LEU C 10 12.23 19.65 -0.43
C LEU C 10 12.14 18.12 -0.43
N MET C 11 11.41 17.59 -1.41
CA MET C 11 11.23 16.14 -1.54
C MET C 11 12.55 15.41 -1.73
N ASP C 12 13.39 15.93 -2.62
CA ASP C 12 14.66 15.29 -2.94
C ASP C 12 15.58 15.28 -1.74
N LEU C 13 15.59 16.38 -0.99
CA LEU C 13 16.38 16.46 0.23
C LEU C 13 15.90 15.46 1.26
N GLN C 14 14.58 15.42 1.46
CA GLN C 14 13.99 14.49 2.42
C GLN C 14 14.19 13.03 2.01
N GLU C 15 14.24 12.78 0.70
CA GLU C 15 14.50 11.42 0.22
C GLU C 15 15.92 11.01 0.59
N LEU C 16 16.87 11.90 0.37
CA LEU C 16 18.27 11.66 0.74
C LEU C 16 18.41 11.41 2.22
N LEU C 17 17.83 12.30 3.03
CA LEU C 17 17.89 12.17 4.48
C LEU C 17 17.32 10.83 4.89
N SER C 18 16.22 10.43 4.26
CA SER C 18 15.58 9.16 4.57
C SER C 18 16.53 7.98 4.37
N ARG C 19 17.20 7.96 3.23
CA ARG C 19 18.11 6.87 2.90
C ARG C 19 19.25 6.79 3.91
N MET C 20 19.78 7.94 4.29
CA MET C 20 20.91 7.97 5.19
C MET C 20 20.49 7.59 6.61
N GLU C 21 19.19 7.64 6.88
CA GLU C 21 18.70 7.29 8.20
C GLU C 21 18.16 5.86 8.27
N ASN C 22 18.03 5.21 7.12
CA ASN C 22 17.45 3.86 7.08
C ASN C 22 18.45 2.77 6.65
N TYR C 23 19.47 3.15 5.89
CA TYR C 23 20.45 2.19 5.39
C TYR C 23 21.69 2.18 6.29
N ARG C 24 21.93 1.03 6.92
CA ARG C 24 22.97 0.87 7.93
C ARG C 24 24.37 1.25 7.43
N ASN C 25 24.68 0.89 6.19
CA ASN C 25 26.04 1.04 5.68
C ASN C 25 26.34 2.45 5.17
N LEU C 26 25.38 3.37 5.27
CA LEU C 26 25.63 4.76 4.89
C LEU C 26 26.18 5.52 6.09
N LYS C 27 27.38 5.12 6.53
CA LYS C 27 27.93 5.64 7.77
C LYS C 27 28.61 7.00 7.64
N LEU C 28 29.34 7.21 6.54
CA LEU C 28 30.03 8.48 6.35
C LEU C 28 29.11 9.71 6.48
N PRO C 29 27.97 9.72 5.77
CA PRO C 29 27.13 10.92 5.90
C PRO C 29 26.50 11.09 7.28
N ARG C 30 26.73 10.13 8.15
CA ARG C 30 26.07 10.11 9.45
C ARG C 30 27.04 10.43 10.59
N MET C 31 28.31 10.15 10.37
CA MET C 31 29.29 10.12 11.47
C MET C 31 30.40 11.18 11.39
N LEU C 32 30.67 11.69 10.20
CA LEU C 32 31.78 12.63 10.02
C LEU C 32 31.29 14.05 9.74
N THR C 33 31.91 15.03 10.39
CA THR C 33 31.53 16.42 10.17
C THR C 33 32.41 17.09 9.12
N PHE C 34 31.80 17.93 8.29
CA PHE C 34 32.53 18.75 7.32
C PHE C 34 32.18 20.20 7.55
N LYS C 35 32.97 21.10 6.97
CA LYS C 35 32.64 22.52 7.03
C LYS C 35 31.65 22.85 5.93
N PHE C 36 30.40 23.10 6.30
CA PHE C 36 29.35 23.38 5.33
C PHE C 36 28.82 24.80 5.42
N TYR C 37 28.23 25.27 4.33
CA TYR C 37 27.42 26.48 4.34
C TYR C 37 26.03 26.12 4.87
N LEU C 38 25.63 26.71 5.98
CA LEU C 38 24.32 26.44 6.55
C LEU C 38 23.43 27.66 6.48
N PRO C 39 22.11 27.45 6.34
CA PRO C 39 21.21 28.61 6.29
C PRO C 39 20.99 29.18 7.68
N LYS C 40 20.98 30.50 7.77
CA LYS C 40 20.71 31.18 9.03
C LYS C 40 19.23 31.59 9.08
N GLN C 41 18.93 32.58 9.92
CA GLN C 41 17.59 33.15 9.98
C GLN C 41 17.28 33.85 8.67
N ALA C 42 18.31 34.41 8.05
CA ALA C 42 18.18 35.04 6.74
C ALA C 42 17.73 33.99 5.74
N THR C 43 16.61 34.26 5.08
CA THR C 43 15.98 33.25 4.26
C THR C 43 15.46 33.83 2.94
N GLU C 44 16.17 33.54 1.86
CA GLU C 44 15.83 34.02 0.53
C GLU C 44 16.32 33.06 -0.53
N LEU C 45 15.62 33.03 -1.66
CA LEU C 45 15.95 32.14 -2.77
C LEU C 45 17.37 32.35 -3.29
N LYS C 46 17.88 33.57 -3.15
CA LYS C 46 19.26 33.87 -3.52
C LYS C 46 20.23 32.99 -2.73
N ASP C 47 19.89 32.73 -1.47
CA ASP C 47 20.77 31.97 -0.57
C ASP C 47 20.96 30.51 -1.01
N LEU C 48 20.23 30.08 -2.03
CA LEU C 48 20.33 28.70 -2.51
C LEU C 48 21.61 28.45 -3.30
N GLN C 49 22.33 29.51 -3.64
CA GLN C 49 23.63 29.39 -4.26
C GLN C 49 24.58 28.66 -3.30
N CYS C 50 24.44 28.95 -2.01
CA CYS C 50 25.22 28.28 -0.97
C CYS C 50 25.03 26.78 -1.03
N LEU C 51 23.80 26.36 -1.28
CA LEU C 51 23.47 24.95 -1.41
C LEU C 51 24.10 24.35 -2.65
N GLU C 52 24.08 25.11 -3.74
CA GLU C 52 24.64 24.65 -5.00
C GLU C 52 26.16 24.49 -4.93
N ASP C 53 26.80 25.34 -4.15
CA ASP C 53 28.26 25.30 -4.00
C ASP C 53 28.72 24.05 -3.27
N GLU C 54 27.80 23.43 -2.54
CA GLU C 54 28.13 22.25 -1.76
C GLU C 54 27.80 20.96 -2.50
N LEU C 55 27.13 21.09 -3.65
CA LEU C 55 26.72 19.92 -4.44
C LEU C 55 27.92 19.13 -4.98
N GLY C 56 28.99 19.84 -5.31
CA GLY C 56 30.24 19.22 -5.71
C GLY C 56 30.76 18.21 -4.69
N PRO C 57 31.06 18.68 -3.46
CA PRO C 57 31.43 17.81 -2.33
C PRO C 57 30.42 16.70 -2.04
N LEU C 58 29.13 17.04 -2.11
CA LEU C 58 28.07 16.09 -1.78
C LEU C 58 28.07 14.88 -2.71
N ARG C 59 28.34 15.11 -3.99
CA ARG C 59 28.42 14.01 -4.93
C ARG C 59 29.53 13.06 -4.54
N HIS C 60 30.69 13.63 -4.19
CA HIS C 60 31.83 12.83 -3.75
C HIS C 60 31.49 12.01 -2.50
N VAL C 61 30.72 12.59 -1.60
CA VAL C 61 30.24 11.86 -0.43
C VAL C 61 29.43 10.65 -0.86
N LEU C 62 28.46 10.89 -1.74
CA LEU C 62 27.56 9.82 -2.16
C LEU C 62 28.29 8.78 -2.99
N ASP C 63 29.17 9.22 -3.89
CA ASP C 63 29.95 8.31 -4.69
C ASP C 63 30.80 7.41 -3.81
N LEU C 64 31.43 8.00 -2.80
CA LEU C 64 32.27 7.24 -1.87
C LEU C 64 31.44 6.25 -1.07
N THR C 65 30.29 6.71 -0.56
CA THR C 65 29.44 5.85 0.23
C THR C 65 28.92 4.69 -0.61
N GLN C 66 28.63 4.99 -1.88
CA GLN C 66 28.22 3.97 -2.83
C GLN C 66 29.27 2.88 -3.00
N SER C 67 30.53 3.27 -3.16
CA SER C 67 31.59 2.32 -3.46
C SER C 67 31.81 1.31 -2.32
N LYS C 68 31.46 1.71 -1.10
CA LYS C 68 31.64 0.83 0.05
C LYS C 68 30.31 0.19 0.48
N SER C 69 29.21 0.81 0.08
CA SER C 69 27.89 0.24 0.33
C SER C 69 27.02 0.34 -0.92
N PHE C 70 26.71 -0.80 -1.53
CA PHE C 70 26.02 -0.81 -2.81
C PHE C 70 24.53 -0.54 -2.62
N GLN C 71 24.22 0.49 -1.82
CA GLN C 71 22.87 0.97 -1.60
C GLN C 71 22.74 2.47 -1.90
N LEU C 72 23.10 2.88 -3.11
CA LEU C 72 22.97 4.28 -3.51
C LEU C 72 23.24 4.42 -5.01
N GLU C 73 22.83 3.39 -5.76
CA GLU C 73 23.06 3.27 -7.19
C GLU C 73 22.72 4.52 -8.01
N ASP C 74 21.78 5.32 -7.52
CA ASP C 74 21.31 6.49 -8.25
C ASP C 74 21.95 7.78 -7.78
N ALA C 75 23.22 7.71 -7.36
CA ALA C 75 23.92 8.87 -6.81
C ALA C 75 23.99 10.05 -7.78
N GLU C 76 24.33 9.79 -9.03
CA GLU C 76 24.58 10.85 -10.01
C GLU C 76 23.36 11.75 -10.30
N ASN C 77 22.29 11.14 -10.82
CA ASN C 77 21.11 11.91 -11.20
C ASN C 77 20.39 12.46 -9.97
N PHE C 78 20.74 11.97 -8.80
CA PHE C 78 20.24 12.54 -7.56
C PHE C 78 20.75 13.96 -7.45
N ILE C 79 22.06 14.13 -7.56
CA ILE C 79 22.68 15.45 -7.54
C ILE C 79 22.21 16.26 -8.74
N SER C 80 22.08 15.60 -9.87
CA SER C 80 21.62 16.25 -11.10
C SER C 80 20.22 16.84 -10.90
N ASN C 81 19.32 16.06 -10.30
CA ASN C 81 17.97 16.53 -10.00
C ASN C 81 18.00 17.74 -9.07
N ILE C 82 18.84 17.65 -8.03
CA ILE C 82 18.91 18.73 -7.06
C ILE C 82 19.43 20.01 -7.71
N ARG C 83 20.44 19.86 -8.56
CA ARG C 83 21.09 21.01 -9.18
C ARG C 83 20.17 21.74 -10.14
N VAL C 84 19.36 21.00 -10.90
CA VAL C 84 18.49 21.60 -11.89
C VAL C 84 17.30 22.29 -11.22
N THR C 85 16.97 21.86 -10.01
CA THR C 85 15.86 22.47 -9.30
C THR C 85 16.28 23.76 -8.58
N VAL C 86 17.49 23.76 -8.02
CA VAL C 86 17.97 24.92 -7.28
C VAL C 86 18.32 26.07 -8.21
N VAL C 87 18.78 25.75 -9.41
CA VAL C 87 19.20 26.78 -10.36
C VAL C 87 17.99 27.61 -10.78
N LYS C 88 16.82 26.97 -10.86
CA LYS C 88 15.59 27.65 -11.21
C LYS C 88 15.16 28.60 -10.09
N LEU C 89 15.29 28.14 -8.85
CA LEU C 89 14.86 28.92 -7.71
C LEU C 89 15.74 30.13 -7.46
N LYS C 90 17.02 30.00 -7.82
CA LYS C 90 18.01 31.05 -7.60
C LYS C 90 17.61 32.39 -8.22
N GLY C 91 16.77 32.34 -9.26
CA GLY C 91 16.33 33.52 -9.96
C GLY C 91 17.33 34.00 -11.01
N SER C 92 16.96 35.03 -11.75
CA SER C 92 17.82 35.57 -12.79
C SER C 92 18.77 36.61 -12.21
N ASP C 93 20.02 36.22 -12.04
CA ASP C 93 21.04 37.09 -11.48
C ASP C 93 22.42 36.54 -11.81
N ASN C 94 23.42 37.42 -11.88
CA ASN C 94 24.80 36.97 -11.92
C ASN C 94 25.04 36.18 -10.64
N THR C 95 25.82 35.11 -10.72
CA THR C 95 26.02 34.26 -9.56
C THR C 95 26.57 35.09 -8.40
N PHE C 96 25.89 35.01 -7.26
CA PHE C 96 26.23 35.83 -6.11
C PHE C 96 26.98 34.97 -5.11
N GLU C 97 28.21 35.37 -4.80
CA GLU C 97 29.03 34.65 -3.83
C GLU C 97 28.25 34.42 -2.54
N CYS C 98 28.31 33.20 -2.03
CA CYS C 98 27.58 32.83 -0.82
C CYS C 98 28.00 33.72 0.35
N GLN C 99 27.01 34.33 1.00
CA GLN C 99 27.27 35.30 2.05
C GLN C 99 27.13 34.69 3.44
N PHE C 100 27.17 33.36 3.51
CA PHE C 100 26.96 32.66 4.78
C PHE C 100 28.24 32.31 5.53
N ASP C 101 28.11 32.17 6.84
CA ASP C 101 29.19 31.68 7.68
C ASP C 101 29.49 30.22 7.36
N ASP C 102 30.73 29.81 7.63
CA ASP C 102 31.15 28.45 7.35
C ASP C 102 31.12 27.65 8.65
N GLU C 103 30.20 26.69 8.74
CA GLU C 103 29.93 26.01 10.00
C GLU C 103 30.13 24.50 9.90
N SER C 104 30.39 23.86 11.04
CA SER C 104 30.75 22.45 11.06
C SER C 104 29.54 21.56 11.35
N ALA C 105 29.29 20.61 10.46
CA ALA C 105 28.14 19.71 10.58
C ALA C 105 28.30 18.44 9.73
N THR C 106 27.53 17.41 10.08
CA THR C 106 27.48 16.17 9.30
C THR C 106 26.57 16.36 8.10
N VAL C 107 26.63 15.43 7.15
CA VAL C 107 25.80 15.52 5.95
C VAL C 107 24.31 15.46 6.34
N VAL C 108 24.00 14.64 7.33
CA VAL C 108 22.64 14.52 7.83
C VAL C 108 22.15 15.87 8.36
N ASP C 109 22.92 16.45 9.26
CA ASP C 109 22.57 17.74 9.86
C ASP C 109 22.49 18.83 8.79
N PHE C 110 23.35 18.73 7.79
CA PHE C 110 23.36 19.65 6.67
C PHE C 110 22.02 19.62 5.94
N LEU C 111 21.58 18.41 5.61
CA LEU C 111 20.31 18.22 4.92
C LEU C 111 19.13 18.75 5.73
N ARG C 112 19.09 18.37 7.01
CA ARG C 112 18.00 18.76 7.89
C ARG C 112 17.83 20.28 7.97
N ARG C 113 18.94 21.00 7.88
CA ARG C 113 18.89 22.44 8.04
C ARG C 113 18.47 23.11 6.73
N TRP C 114 18.81 22.50 5.60
CA TRP C 114 18.32 23.03 4.33
C TRP C 114 16.88 22.63 4.10
N ILE C 115 16.47 21.53 4.72
CA ILE C 115 15.08 21.10 4.67
C ILE C 115 14.22 22.11 5.43
N ALA C 116 14.62 22.43 6.65
CA ALA C 116 13.91 23.40 7.48
C ALA C 116 13.87 24.76 6.81
N PHE C 117 14.91 25.05 6.03
CA PHE C 117 14.98 26.28 5.25
C PHE C 117 13.85 26.32 4.24
N CYS C 118 13.69 25.22 3.49
CA CYS C 118 12.65 25.10 2.49
C CYS C 118 11.28 25.25 3.12
N GLN C 119 11.07 24.54 4.23
CA GLN C 119 9.78 24.57 4.92
C GLN C 119 9.40 25.97 5.38
N SER C 120 10.39 26.76 5.77
CA SER C 120 10.12 28.13 6.22
C SER C 120 9.66 29.01 5.07
N ILE C 121 10.26 28.83 3.90
CA ILE C 121 9.85 29.57 2.71
C ILE C 121 8.40 29.23 2.37
N ILE C 122 8.07 27.93 2.36
CA ILE C 122 6.73 27.46 2.05
C ILE C 122 5.69 28.18 2.91
N SER C 123 6.01 28.39 4.18
CA SER C 123 5.11 29.08 5.11
C SER C 123 4.82 30.51 4.67
N THR C 124 5.84 31.21 4.18
CA THR C 124 5.72 32.62 3.81
C THR C 124 4.93 32.82 2.51
N SER C 125 4.84 31.77 1.70
CA SER C 125 4.15 31.86 0.41
C SER C 125 2.70 31.36 0.49
N GLU D 3 5.79 11.85 -8.56
CA GLU D 3 6.94 11.29 -9.27
C GLU D 3 6.51 10.12 -10.15
N ILE D 4 5.56 9.32 -9.67
CA ILE D 4 5.03 8.21 -10.44
C ILE D 4 4.18 8.76 -11.59
N GLN D 5 4.52 8.37 -12.82
CA GLN D 5 3.85 8.92 -14.00
C GLN D 5 3.72 7.91 -15.12
N LEU D 6 2.69 8.07 -15.93
CA LEU D 6 2.50 7.29 -17.15
C LEU D 6 2.30 8.23 -18.33
N GLN D 7 3.28 8.29 -19.23
CA GLN D 7 3.19 9.18 -20.38
C GLN D 7 2.66 8.44 -21.60
N GLN D 8 1.54 8.91 -22.13
CA GLN D 8 0.92 8.29 -23.30
C GLN D 8 1.27 9.04 -24.58
N SER D 9 1.15 8.36 -25.71
CA SER D 9 1.47 8.96 -27.01
C SER D 9 0.43 10.03 -27.39
N GLY D 10 0.78 10.82 -28.41
CA GLY D 10 -0.06 11.92 -28.85
C GLY D 10 -1.28 11.52 -29.65
N PRO D 11 -2.10 12.52 -30.03
CA PRO D 11 -3.36 12.34 -30.77
C PRO D 11 -3.20 11.60 -32.10
N GLU D 12 -4.25 10.90 -32.52
CA GLU D 12 -4.21 10.12 -33.75
C GLU D 12 -5.43 10.38 -34.63
N LEU D 13 -5.22 10.30 -35.94
CA LEU D 13 -6.29 10.42 -36.93
C LEU D 13 -6.23 9.23 -37.86
N ARG D 14 -7.34 8.51 -37.99
CA ARG D 14 -7.37 7.32 -38.86
C ARG D 14 -8.64 7.27 -39.71
N ARG D 15 -8.52 6.68 -40.89
CA ARG D 15 -9.69 6.37 -41.71
C ARG D 15 -10.23 5.03 -41.24
N PRO D 16 -11.53 4.78 -41.45
CA PRO D 16 -12.12 3.51 -41.02
C PRO D 16 -11.46 2.29 -41.68
N GLY D 17 -11.33 1.20 -40.93
CA GLY D 17 -10.67 0.00 -41.41
C GLY D 17 -9.17 -0.02 -41.15
N SER D 18 -8.65 1.08 -40.62
CA SER D 18 -7.23 1.21 -40.31
C SER D 18 -6.88 0.64 -38.94
N SER D 19 -5.60 0.74 -38.58
CA SER D 19 -5.11 0.32 -37.28
C SER D 19 -4.38 1.47 -36.60
N VAL D 20 -4.19 1.36 -35.29
CA VAL D 20 -3.40 2.34 -34.56
C VAL D 20 -2.75 1.67 -33.34
N LYS D 21 -1.50 2.05 -33.07
CA LYS D 21 -0.79 1.51 -31.91
C LYS D 21 -0.45 2.62 -30.92
N LEU D 22 -1.00 2.51 -29.71
CA LEU D 22 -0.81 3.51 -28.67
C LEU D 22 0.28 3.08 -27.68
N SER D 23 1.00 4.04 -27.11
CA SER D 23 2.06 3.70 -26.15
C SER D 23 1.81 4.33 -24.78
N CYS D 24 2.34 3.67 -23.74
CA CYS D 24 2.21 4.15 -22.36
C CYS D 24 3.56 3.96 -21.67
N LYS D 25 4.34 5.03 -21.59
CA LYS D 25 5.67 5.00 -21.01
C LYS D 25 5.64 5.29 -19.52
N ALA D 26 6.21 4.38 -18.73
CA ALA D 26 6.25 4.53 -17.28
C ALA D 26 7.55 5.17 -16.82
N SER D 27 7.47 6.09 -15.86
CA SER D 27 8.67 6.65 -15.24
C SER D 27 8.49 6.77 -13.73
N GLY D 28 9.60 6.78 -13.00
CA GLY D 28 9.58 6.83 -11.56
C GLY D 28 9.57 5.44 -10.93
N TYR D 29 9.30 4.43 -11.76
CA TYR D 29 9.25 3.05 -11.30
C TYR D 29 9.40 2.06 -12.45
N ASN D 30 9.63 0.80 -12.11
CA ASN D 30 9.80 -0.27 -13.09
C ASN D 30 8.44 -0.85 -13.46
N ILE D 31 8.10 -0.80 -14.74
CA ILE D 31 6.75 -1.17 -15.20
C ILE D 31 6.42 -2.65 -14.91
N THR D 32 7.47 -3.44 -14.70
CA THR D 32 7.33 -4.85 -14.35
C THR D 32 6.60 -5.00 -13.01
N ASP D 33 6.79 -4.03 -12.12
CA ASP D 33 6.31 -4.15 -10.74
C ASP D 33 4.80 -4.12 -10.61
N TYR D 34 4.11 -3.51 -11.56
CA TYR D 34 2.65 -3.40 -11.48
C TYR D 34 1.96 -3.76 -12.79
N LEU D 35 0.64 -3.93 -12.73
CA LEU D 35 -0.12 -4.22 -13.94
C LEU D 35 -0.47 -2.94 -14.69
N ILE D 36 -0.75 -3.08 -15.98
CA ILE D 36 -1.19 -1.96 -16.78
C ILE D 36 -2.58 -2.22 -17.34
N HIS D 37 -3.51 -1.32 -17.02
CA HIS D 37 -4.89 -1.39 -17.49
C HIS D 37 -5.14 -0.36 -18.59
N TRP D 38 -6.03 -0.69 -19.53
CA TRP D 38 -6.44 0.26 -20.54
C TRP D 38 -7.95 0.49 -20.45
N VAL D 39 -8.34 1.76 -20.49
CA VAL D 39 -9.73 2.17 -20.35
C VAL D 39 -10.03 3.26 -21.36
N ARG D 40 -11.16 3.18 -22.07
CA ARG D 40 -11.49 4.27 -22.99
C ARG D 40 -12.63 5.12 -22.45
N HIS D 41 -12.65 6.38 -22.87
CA HIS D 41 -13.68 7.31 -22.47
C HIS D 41 -14.37 7.87 -23.70
N ARG D 42 -15.69 7.74 -23.72
CA ARG D 42 -16.52 8.32 -24.77
C ARG D 42 -17.50 9.27 -24.10
N PRO D 43 -17.45 10.56 -24.48
CA PRO D 43 -18.21 11.64 -23.84
C PRO D 43 -19.70 11.34 -23.63
N GLU D 44 -20.26 10.47 -24.45
CA GLU D 44 -21.67 10.13 -24.38
C GLU D 44 -21.93 8.78 -23.68
N HIS D 45 -20.90 7.95 -23.58
CA HIS D 45 -21.04 6.60 -23.01
C HIS D 45 -20.17 6.36 -21.77
N GLY D 46 -19.43 7.38 -21.33
CA GLY D 46 -18.61 7.25 -20.14
C GLY D 46 -17.39 6.35 -20.26
N LEU D 47 -17.08 5.66 -19.16
CA LEU D 47 -15.86 4.86 -19.06
C LEU D 47 -16.10 3.38 -19.34
N GLU D 48 -15.09 2.75 -19.94
CA GLU D 48 -15.20 1.39 -20.42
C GLU D 48 -13.83 0.74 -20.34
N TRP D 49 -13.73 -0.34 -19.57
CA TRP D 49 -12.46 -1.03 -19.38
C TRP D 49 -12.17 -1.98 -20.54
N ILE D 50 -10.92 -1.98 -21.01
CA ILE D 50 -10.53 -2.71 -22.20
C ILE D 50 -9.80 -4.02 -21.90
N GLY D 51 -8.76 -3.93 -21.06
CA GLY D 51 -8.00 -5.11 -20.69
C GLY D 51 -6.80 -4.77 -19.82
N TRP D 52 -6.13 -5.79 -19.30
CA TRP D 52 -4.86 -5.53 -18.60
C TRP D 52 -3.76 -6.48 -19.03
N ILE D 53 -2.53 -6.10 -18.70
CA ILE D 53 -1.37 -6.90 -19.02
C ILE D 53 -0.40 -6.88 -17.85
N ASP D 54 0.21 -8.04 -17.59
CA ASP D 54 1.29 -8.16 -16.63
C ASP D 54 2.62 -8.09 -17.38
N PRO D 55 3.28 -6.93 -17.33
CA PRO D 55 4.51 -6.69 -18.10
C PRO D 55 5.65 -7.63 -17.73
N GLU D 56 5.55 -8.29 -16.58
CA GLU D 56 6.61 -9.19 -16.15
C GLU D 56 6.62 -10.49 -16.95
N ASP D 57 5.45 -11.09 -17.15
CA ASP D 57 5.37 -12.37 -17.84
C ASP D 57 4.52 -12.30 -19.10
N GLY D 58 3.86 -11.19 -19.33
CA GLY D 58 3.11 -10.98 -20.56
C GLY D 58 1.69 -11.50 -20.56
N GLU D 59 1.18 -11.95 -19.41
CA GLU D 59 -0.20 -12.43 -19.34
C GLU D 59 -1.15 -11.28 -19.65
N THR D 60 -2.18 -11.56 -20.43
CA THR D 60 -3.16 -10.55 -20.78
C THR D 60 -4.57 -11.04 -20.45
N ARG D 61 -5.42 -10.11 -20.07
CA ARG D 61 -6.84 -10.42 -19.85
C ARG D 61 -7.63 -9.36 -20.58
N TYR D 62 -8.60 -9.79 -21.39
CA TYR D 62 -9.39 -8.88 -22.20
C TYR D 62 -10.88 -8.94 -21.83
N ALA D 63 -11.55 -7.80 -21.99
CA ALA D 63 -13.01 -7.80 -22.00
C ALA D 63 -13.43 -8.42 -23.33
N GLN D 64 -14.44 -9.27 -23.32
CA GLN D 64 -14.80 -10.00 -24.53
C GLN D 64 -15.13 -9.07 -25.70
N LYS D 65 -15.65 -7.90 -25.36
CA LYS D 65 -15.97 -6.86 -26.33
C LYS D 65 -14.76 -6.42 -27.18
N PHE D 66 -13.56 -6.53 -26.62
CA PHE D 66 -12.37 -5.98 -27.27
C PHE D 66 -11.37 -7.03 -27.73
N GLN D 67 -11.72 -8.31 -27.61
CA GLN D 67 -10.76 -9.38 -27.91
C GLN D 67 -10.27 -9.34 -29.36
N SER D 68 -11.18 -9.13 -30.30
CA SER D 68 -10.80 -9.04 -31.70
C SER D 68 -10.16 -7.70 -32.04
N LYS D 69 -10.68 -6.63 -31.46
CA LYS D 69 -10.21 -5.27 -31.77
C LYS D 69 -8.84 -4.94 -31.16
N ALA D 70 -8.61 -5.37 -29.93
CA ALA D 70 -7.45 -4.91 -29.16
C ALA D 70 -6.39 -5.98 -28.95
N THR D 71 -5.15 -5.53 -28.82
CA THR D 71 -4.02 -6.40 -28.54
C THR D 71 -3.04 -5.70 -27.60
N LEU D 72 -2.88 -6.22 -26.39
CA LEU D 72 -2.00 -5.60 -25.41
C LEU D 72 -0.59 -6.17 -25.48
N THR D 73 0.38 -5.33 -25.16
CA THR D 73 1.79 -5.67 -25.34
C THR D 73 2.64 -4.81 -24.42
N ALA D 74 3.72 -5.39 -23.88
CA ALA D 74 4.67 -4.60 -23.10
C ALA D 74 6.10 -4.90 -23.53
N ASP D 75 6.99 -3.93 -23.31
CA ASP D 75 8.41 -4.12 -23.54
C ASP D 75 9.21 -3.65 -22.33
N THR D 76 9.81 -4.60 -21.62
CA THR D 76 10.56 -4.32 -20.40
C THR D 76 11.71 -3.37 -20.66
N SER D 77 12.35 -3.55 -21.80
CA SER D 77 13.47 -2.70 -22.20
C SER D 77 13.11 -1.22 -22.27
N SER D 78 11.93 -0.92 -22.81
CA SER D 78 11.48 0.46 -22.97
C SER D 78 10.75 0.95 -21.73
N ASN D 79 10.50 0.05 -20.79
CA ASN D 79 9.70 0.37 -19.61
C ASN D 79 8.34 0.90 -20.06
N ALA D 80 7.73 0.23 -21.04
CA ALA D 80 6.53 0.75 -21.69
C ALA D 80 5.51 -0.34 -22.02
N ALA D 81 4.24 0.05 -22.07
CA ALA D 81 3.16 -0.84 -22.48
C ALA D 81 2.53 -0.33 -23.77
N TYR D 82 1.87 -1.22 -24.50
CA TYR D 82 1.31 -0.86 -25.80
C TYR D 82 -0.09 -1.41 -25.98
N MET D 83 -0.90 -0.70 -26.75
CA MET D 83 -2.20 -1.22 -27.16
C MET D 83 -2.41 -0.95 -28.64
N GLN D 84 -2.71 -1.99 -29.39
CA GLN D 84 -3.02 -1.81 -30.80
C GLN D 84 -4.50 -2.07 -31.01
N LEU D 85 -5.13 -1.14 -31.71
CA LEU D 85 -6.52 -1.28 -32.08
C LEU D 85 -6.60 -1.45 -33.59
N SER D 86 -7.29 -2.49 -34.04
CA SER D 86 -7.43 -2.76 -35.46
C SER D 86 -8.88 -2.69 -35.90
N SER D 87 -9.11 -2.69 -37.22
CA SER D 87 -10.45 -2.62 -37.78
C SER D 87 -11.21 -1.44 -37.20
N LEU D 88 -10.63 -0.26 -37.32
CA LEU D 88 -11.17 0.93 -36.67
C LEU D 88 -12.51 1.35 -37.28
N THR D 89 -13.40 1.83 -36.41
CA THR D 89 -14.71 2.34 -36.80
C THR D 89 -14.88 3.73 -36.20
N PRO D 90 -15.81 4.54 -36.75
CA PRO D 90 -16.08 5.86 -36.17
C PRO D 90 -16.51 5.80 -34.70
N GLU D 91 -17.12 4.69 -34.29
CA GLU D 91 -17.53 4.50 -32.90
C GLU D 91 -16.34 4.29 -31.97
N ASP D 92 -15.18 3.96 -32.54
CA ASP D 92 -13.98 3.76 -31.75
C ASP D 92 -13.28 5.07 -31.44
N THR D 93 -13.87 6.18 -31.87
CA THR D 93 -13.38 7.51 -31.52
C THR D 93 -13.56 7.77 -30.03
N ALA D 94 -12.44 7.93 -29.32
CA ALA D 94 -12.48 8.05 -27.87
C ALA D 94 -11.16 8.59 -27.32
N THR D 95 -11.13 8.84 -26.01
CA THR D 95 -9.89 9.07 -25.31
C THR D 95 -9.48 7.77 -24.61
N TYR D 96 -8.30 7.25 -24.96
CA TYR D 96 -7.84 5.99 -24.40
C TYR D 96 -6.82 6.23 -23.30
N PHE D 97 -7.11 5.73 -22.11
CA PHE D 97 -6.24 5.89 -20.94
C PHE D 97 -5.51 4.61 -20.62
N CYS D 98 -4.26 4.74 -20.17
CA CYS D 98 -3.63 3.64 -19.48
C CYS D 98 -3.60 4.00 -18.01
N ALA D 99 -3.66 2.98 -17.16
CA ALA D 99 -3.59 3.17 -15.73
C ALA D 99 -2.82 2.01 -15.10
N ARG D 100 -2.38 2.21 -13.86
CA ARG D 100 -1.56 1.23 -13.16
C ARG D 100 -2.37 0.60 -12.04
N SER D 101 -2.12 -0.67 -11.74
CA SER D 101 -2.77 -1.30 -10.58
C SER D 101 -2.32 -0.55 -9.33
N LEU D 102 -3.13 -0.64 -8.28
CA LEU D 102 -2.86 0.09 -7.05
C LEU D 102 -1.71 -0.55 -6.27
N ASP D 103 -1.76 -1.87 -6.13
CA ASP D 103 -0.72 -2.64 -5.46
C ASP D 103 0.03 -3.52 -6.43
N SER D 104 1.13 -4.09 -5.97
CA SER D 104 1.85 -5.11 -6.73
C SER D 104 1.15 -6.46 -6.57
N THR D 105 0.38 -6.60 -5.49
CA THR D 105 -0.30 -7.85 -5.16
C THR D 105 -1.66 -8.00 -5.85
N TYR D 106 -2.45 -6.93 -5.84
CA TYR D 106 -3.83 -7.02 -6.34
C TYR D 106 -3.97 -6.42 -7.73
N ILE D 107 -4.81 -7.03 -8.55
CA ILE D 107 -4.96 -6.65 -9.94
C ILE D 107 -5.71 -5.33 -10.06
N TYR D 108 -6.78 -5.20 -9.25
CA TYR D 108 -7.62 -4.02 -9.24
C TYR D 108 -7.53 -3.33 -7.87
N PRO D 109 -7.92 -2.03 -7.79
CA PRO D 109 -8.33 -1.12 -8.86
C PRO D 109 -7.14 -0.40 -9.49
N PHE D 110 -7.39 0.40 -10.52
CA PHE D 110 -6.30 1.12 -11.18
C PHE D 110 -6.18 2.57 -10.73
N ALA D 111 -4.94 3.05 -10.75
CA ALA D 111 -4.61 4.39 -10.30
C ALA D 111 -3.48 4.95 -11.17
N TYR D 112 -3.10 6.19 -10.90
CA TYR D 112 -2.00 6.85 -11.60
C TYR D 112 -2.23 6.83 -13.11
N TRP D 113 -3.40 7.27 -13.53
CA TRP D 113 -3.76 7.24 -14.95
C TRP D 113 -2.90 8.18 -15.77
N GLY D 114 -2.79 7.88 -17.06
CA GLY D 114 -2.08 8.76 -17.98
C GLY D 114 -2.96 9.92 -18.39
N GLN D 115 -2.39 10.86 -19.15
CA GLN D 115 -3.11 12.06 -19.55
C GLN D 115 -4.10 11.73 -20.67
N GLY D 116 -4.07 10.49 -21.14
CA GLY D 116 -5.00 10.05 -22.15
C GLY D 116 -4.56 10.35 -23.57
N THR D 117 -4.96 9.48 -24.49
CA THR D 117 -4.67 9.67 -25.91
C THR D 117 -5.97 9.74 -26.70
N LEU D 118 -6.20 10.87 -27.35
CA LEU D 118 -7.40 11.04 -28.18
C LEU D 118 -7.22 10.42 -29.56
N VAL D 119 -8.11 9.50 -29.92
CA VAL D 119 -8.10 8.88 -31.23
C VAL D 119 -9.38 9.22 -31.99
N THR D 120 -9.23 9.79 -33.19
CA THR D 120 -10.38 10.21 -33.98
C THR D 120 -10.47 9.48 -35.32
N VAL D 121 -11.59 8.80 -35.58
CA VAL D 121 -11.76 8.11 -36.85
C VAL D 121 -12.92 8.72 -37.66
N SER D 122 -12.57 9.42 -38.73
CA SER D 122 -13.54 10.07 -39.61
C SER D 122 -13.37 9.57 -41.04
N SER D 123 -14.46 9.27 -41.72
CA SER D 123 -14.41 8.83 -43.11
C SER D 123 -13.73 9.86 -44.01
N GLY E 1 -23.62 -9.78 -21.25
CA GLY E 1 -24.80 -10.31 -20.57
C GLY E 1 -24.47 -10.88 -19.21
N SER E 2 -23.30 -11.49 -19.12
CA SER E 2 -22.82 -12.08 -17.87
C SER E 2 -22.37 -10.98 -16.92
N ASP E 3 -21.98 -9.84 -17.49
CA ASP E 3 -21.35 -8.75 -16.78
C ASP E 3 -22.16 -8.22 -15.61
N ILE E 4 -21.45 -7.77 -14.58
CA ILE E 4 -22.07 -7.12 -13.44
C ILE E 4 -22.44 -5.70 -13.83
N VAL E 5 -23.66 -5.28 -13.52
CA VAL E 5 -24.17 -3.97 -13.95
C VAL E 5 -24.14 -2.94 -12.82
N MET E 6 -23.56 -1.78 -13.08
CA MET E 6 -23.51 -0.67 -12.12
C MET E 6 -24.57 0.38 -12.41
N THR E 7 -25.55 0.51 -11.51
CA THR E 7 -26.57 1.53 -11.68
C THR E 7 -26.29 2.72 -10.78
N GLN E 8 -25.83 3.81 -11.38
CA GLN E 8 -25.43 4.99 -10.64
C GLN E 8 -26.44 6.13 -10.78
N SER E 9 -26.73 6.81 -9.66
CA SER E 9 -27.61 7.97 -9.70
C SER E 9 -27.15 9.00 -8.69
N PRO E 10 -27.43 10.29 -8.93
CA PRO E 10 -28.13 10.79 -10.12
C PRO E 10 -27.19 11.06 -11.27
N PHE E 11 -27.74 11.26 -12.47
CA PHE E 11 -26.96 11.56 -13.66
C PHE E 11 -26.31 12.94 -13.56
N SER E 12 -27.10 13.93 -13.13
CA SER E 12 -26.66 15.32 -12.98
C SER E 12 -27.09 15.90 -11.64
N LEU E 13 -26.32 16.84 -11.15
CA LEU E 13 -26.56 17.42 -9.85
C LEU E 13 -25.93 18.81 -9.77
N ALA E 14 -26.69 19.79 -9.31
CA ALA E 14 -26.13 21.10 -9.07
C ALA E 14 -26.55 21.58 -7.68
N VAL E 15 -25.57 21.95 -6.85
CA VAL E 15 -25.83 22.40 -5.49
C VAL E 15 -24.99 23.64 -5.20
N SER E 16 -25.26 24.29 -4.07
CA SER E 16 -24.47 25.43 -3.64
C SER E 16 -23.25 24.98 -2.84
N GLU E 17 -22.22 25.82 -2.79
CA GLU E 17 -21.03 25.52 -2.00
C GLU E 17 -21.39 25.32 -0.53
N GLY E 18 -20.82 24.28 0.08
CA GLY E 18 -21.06 24.03 1.49
C GLY E 18 -22.20 23.07 1.76
N GLU E 19 -23.03 22.84 0.75
CA GLU E 19 -24.14 21.90 0.87
C GLU E 19 -23.60 20.47 0.80
N MET E 20 -24.48 19.49 1.03
CA MET E 20 -24.07 18.10 1.05
C MET E 20 -24.57 17.35 -0.19
N VAL E 21 -23.75 16.44 -0.68
CA VAL E 21 -24.02 15.73 -1.93
C VAL E 21 -24.08 14.22 -1.70
N THR E 22 -25.07 13.56 -2.28
CA THR E 22 -25.19 12.12 -2.13
C THR E 22 -25.24 11.41 -3.49
N ILE E 23 -24.23 10.59 -3.77
CA ILE E 23 -24.22 9.81 -5.01
C ILE E 23 -24.41 8.33 -4.69
N ASN E 24 -25.30 7.67 -5.42
CA ASN E 24 -25.60 6.26 -5.19
C ASN E 24 -25.21 5.38 -6.35
N CYS E 25 -24.67 4.21 -6.02
CA CYS E 25 -24.35 3.17 -6.97
C CYS E 25 -25.04 1.88 -6.50
N LYS E 26 -25.76 1.23 -7.40
CA LYS E 26 -26.37 -0.05 -7.05
C LYS E 26 -25.80 -1.13 -7.96
N SER E 27 -25.46 -2.28 -7.38
CA SER E 27 -24.85 -3.36 -8.17
C SER E 27 -25.81 -4.52 -8.35
N SER E 28 -25.73 -5.22 -9.48
CA SER E 28 -26.61 -6.35 -9.75
C SER E 28 -26.18 -7.61 -9.00
N GLN E 29 -25.03 -7.51 -8.34
CA GLN E 29 -24.48 -8.63 -7.58
C GLN E 29 -23.76 -8.10 -6.36
N SER E 30 -23.78 -8.86 -5.28
CA SER E 30 -23.00 -8.50 -4.11
C SER E 30 -21.53 -8.43 -4.51
N LEU E 31 -20.84 -7.41 -4.02
CA LEU E 31 -19.43 -7.21 -4.31
C LEU E 31 -18.58 -7.58 -3.10
N LEU E 32 -19.20 -8.24 -2.13
CA LEU E 32 -18.53 -8.55 -0.88
C LEU E 32 -17.77 -9.86 -0.98
N SER E 33 -16.47 -9.82 -0.68
CA SER E 33 -15.64 -11.02 -0.64
C SER E 33 -15.70 -11.69 0.73
N SER E 34 -16.00 -12.99 0.74
CA SER E 34 -16.18 -13.72 1.98
C SER E 34 -14.88 -13.96 2.74
N GLY E 35 -13.75 -13.97 2.03
CA GLY E 35 -12.47 -14.19 2.66
C GLY E 35 -11.85 -12.90 3.16
N ASN E 36 -11.93 -11.89 2.31
CA ASN E 36 -11.38 -10.56 2.58
C ASN E 36 -12.30 -9.76 3.51
N GLN E 37 -13.60 -10.04 3.42
CA GLN E 37 -14.68 -9.29 4.08
C GLN E 37 -14.70 -7.83 3.64
N LYS E 38 -14.23 -7.58 2.42
CA LYS E 38 -14.25 -6.22 1.86
C LYS E 38 -15.10 -6.16 0.59
N ASN E 39 -15.62 -4.99 0.29
CA ASN E 39 -16.39 -4.79 -0.92
C ASN E 39 -15.48 -4.30 -2.04
N TYR E 40 -15.43 -5.03 -3.14
CA TYR E 40 -14.54 -4.70 -4.26
C TYR E 40 -15.15 -3.62 -5.14
N LEU E 41 -15.17 -2.39 -4.62
CA LEU E 41 -15.76 -1.26 -5.31
C LEU E 41 -14.94 0.01 -5.09
N ALA E 42 -14.80 0.82 -6.14
CA ALA E 42 -14.01 2.05 -6.02
C ALA E 42 -14.78 3.26 -6.53
N TRP E 43 -14.34 4.45 -6.12
CA TRP E 43 -14.92 5.70 -6.64
C TRP E 43 -13.83 6.54 -7.29
N TYR E 44 -14.12 7.04 -8.50
CA TYR E 44 -13.17 7.86 -9.23
C TYR E 44 -13.72 9.25 -9.48
N GLN E 45 -12.83 10.23 -9.47
CA GLN E 45 -13.19 11.62 -9.71
C GLN E 45 -12.45 12.15 -10.92
N GLN E 46 -13.18 12.74 -11.86
CA GLN E 46 -12.54 13.37 -13.01
C GLN E 46 -12.90 14.84 -13.13
N LYS E 47 -12.00 15.69 -12.67
CA LYS E 47 -12.14 17.12 -12.82
C LYS E 47 -11.93 17.51 -14.28
N PRO E 48 -12.55 18.61 -14.73
CA PRO E 48 -12.39 19.04 -16.13
C PRO E 48 -10.94 19.26 -16.55
N GLY E 49 -10.57 18.71 -17.70
CA GLY E 49 -9.23 18.84 -18.24
C GLY E 49 -8.22 17.91 -17.60
N GLN E 50 -8.72 16.92 -16.87
CA GLN E 50 -7.86 15.99 -16.15
C GLN E 50 -8.27 14.54 -16.36
N SER E 51 -7.37 13.63 -16.03
CA SER E 51 -7.67 12.20 -16.09
C SER E 51 -8.40 11.80 -14.82
N PRO E 52 -9.17 10.70 -14.88
CA PRO E 52 -9.81 10.22 -13.65
C PRO E 52 -8.77 9.91 -12.57
N LYS E 53 -9.14 10.15 -11.32
CA LYS E 53 -8.26 9.93 -10.18
C LYS E 53 -9.01 9.08 -9.16
N LEU E 54 -8.31 8.13 -8.53
CA LEU E 54 -8.93 7.27 -7.53
C LEU E 54 -9.17 8.03 -6.22
N LEU E 55 -10.43 8.07 -5.78
CA LEU E 55 -10.76 8.68 -4.50
C LEU E 55 -10.77 7.67 -3.37
N ILE E 56 -11.52 6.58 -3.58
CA ILE E 56 -11.82 5.61 -2.54
C ILE E 56 -11.77 4.18 -3.08
N TYR E 57 -11.14 3.28 -2.33
CA TYR E 57 -11.14 1.86 -2.69
C TYR E 57 -11.68 1.03 -1.54
N TYR E 58 -12.10 -0.21 -1.84
CA TYR E 58 -12.76 -1.08 -0.87
C TYR E 58 -13.95 -0.40 -0.21
N ALA E 59 -14.67 0.36 -1.02
CA ALA E 59 -15.93 1.02 -0.65
C ALA E 59 -15.77 2.21 0.29
N SER E 60 -14.90 2.09 1.29
CA SER E 60 -14.88 3.13 2.32
C SER E 60 -13.49 3.68 2.67
N THR E 61 -12.47 3.21 1.98
CA THR E 61 -11.11 3.60 2.31
C THR E 61 -10.58 4.66 1.35
N GLY E 62 -10.26 5.84 1.88
CA GLY E 62 -9.83 6.93 1.05
C GLY E 62 -8.38 6.81 0.63
N GLN E 63 -8.09 7.24 -0.60
CA GLN E 63 -6.73 7.28 -1.11
C GLN E 63 -6.01 8.44 -0.43
N SER E 64 -4.69 8.37 -0.36
CA SER E 64 -3.88 9.41 0.27
C SER E 64 -4.15 10.79 -0.34
N GLY E 65 -4.34 11.79 0.53
CA GLY E 65 -4.58 13.15 0.09
C GLY E 65 -6.03 13.45 -0.21
N VAL E 66 -6.90 12.47 -0.05
CA VAL E 66 -8.33 12.70 -0.25
C VAL E 66 -8.95 13.23 1.04
N PRO E 67 -9.46 14.47 0.98
CA PRO E 67 -10.02 15.14 2.16
C PRO E 67 -11.12 14.33 2.83
N ASP E 68 -11.36 14.59 4.11
CA ASP E 68 -12.32 13.82 4.89
C ASP E 68 -13.76 14.08 4.47
N ARG E 69 -13.97 15.14 3.69
CA ARG E 69 -15.29 15.48 3.17
C ARG E 69 -15.88 14.34 2.34
N PHE E 70 -14.99 13.55 1.75
CA PHE E 70 -15.38 12.42 0.91
C PHE E 70 -15.53 11.17 1.76
N ILE E 71 -16.77 10.69 1.84
CA ILE E 71 -17.10 9.52 2.64
C ILE E 71 -17.72 8.44 1.76
N GLY E 72 -17.06 7.29 1.70
CA GLY E 72 -17.63 6.14 1.02
C GLY E 72 -18.24 5.19 2.01
N SER E 73 -19.44 4.70 1.71
CA SER E 73 -20.11 3.75 2.59
C SER E 73 -20.86 2.73 1.78
N GLY E 74 -21.32 1.67 2.45
CA GLY E 74 -22.09 0.63 1.80
C GLY E 74 -21.47 -0.75 1.82
N SER E 75 -22.29 -1.74 1.49
CA SER E 75 -21.87 -3.13 1.48
C SER E 75 -22.84 -3.92 0.63
N GLY E 76 -22.37 -5.03 0.05
CA GLY E 76 -23.20 -5.87 -0.77
C GLY E 76 -23.54 -5.31 -2.14
N THR E 77 -24.71 -4.69 -2.26
CA THR E 77 -25.19 -4.21 -3.57
C THR E 77 -25.49 -2.71 -3.60
N ASP E 78 -25.48 -2.07 -2.43
CA ASP E 78 -25.80 -0.64 -2.36
C ASP E 78 -24.65 0.17 -1.79
N PHE E 79 -24.21 1.17 -2.53
CA PHE E 79 -23.06 1.95 -2.10
C PHE E 79 -23.31 3.43 -2.28
N THR E 80 -22.69 4.21 -1.41
CA THR E 80 -22.92 5.63 -1.38
C THR E 80 -21.63 6.39 -1.25
N LEU E 81 -21.46 7.39 -2.11
CA LEU E 81 -20.40 8.38 -1.96
C LEU E 81 -21.08 9.65 -1.47
N THR E 82 -20.57 10.18 -0.36
CA THR E 82 -21.12 11.38 0.24
C THR E 82 -20.06 12.46 0.29
N ILE E 83 -20.42 13.66 -0.14
CA ILE E 83 -19.55 14.81 0.02
C ILE E 83 -20.25 15.80 0.91
N SER E 84 -19.63 16.12 2.04
CA SER E 84 -20.20 17.13 2.91
C SER E 84 -19.35 18.39 2.77
N ASP E 85 -19.96 19.55 2.99
CA ASP E 85 -19.25 20.82 2.86
C ASP E 85 -18.59 20.92 1.49
N VAL E 86 -19.38 20.69 0.44
CA VAL E 86 -18.87 20.63 -0.93
C VAL E 86 -18.17 21.93 -1.33
N GLN E 87 -17.04 21.79 -2.02
CA GLN E 87 -16.21 22.93 -2.39
C GLN E 87 -16.24 23.19 -3.89
N ALA E 88 -15.84 24.40 -4.29
CA ALA E 88 -15.78 24.77 -5.70
C ALA E 88 -14.88 23.82 -6.49
N GLU E 89 -13.82 23.35 -5.83
CA GLU E 89 -12.85 22.47 -6.45
C GLU E 89 -13.41 21.07 -6.73
N ASP E 90 -14.58 20.78 -6.18
CA ASP E 90 -15.16 19.44 -6.30
C ASP E 90 -15.91 19.23 -7.61
N LEU E 91 -16.01 20.30 -8.39
CA LEU E 91 -16.59 20.28 -9.73
C LEU E 91 -15.93 19.20 -10.58
N ALA E 92 -16.68 18.13 -10.88
CA ALA E 92 -16.13 16.97 -11.58
C ALA E 92 -17.20 15.96 -12.02
N ASP E 93 -16.75 14.94 -12.74
CA ASP E 93 -17.54 13.75 -12.99
C ASP E 93 -17.15 12.69 -11.97
N TYR E 94 -18.12 11.92 -11.49
CA TYR E 94 -17.84 10.87 -10.50
C TYR E 94 -18.33 9.51 -10.98
N TYR E 95 -17.48 8.50 -10.88
CA TYR E 95 -17.82 7.15 -11.32
C TYR E 95 -17.58 6.09 -10.25
N CYS E 96 -18.49 5.13 -10.13
CA CYS E 96 -18.20 3.95 -9.33
C CYS E 96 -17.63 2.86 -10.23
N LEU E 97 -16.77 2.03 -9.65
CA LEU E 97 -16.21 0.90 -10.37
C LEU E 97 -16.26 -0.37 -9.53
N GLN E 98 -16.86 -1.43 -10.05
CA GLN E 98 -16.80 -2.73 -9.39
C GLN E 98 -15.67 -3.56 -9.98
N HIS E 99 -15.05 -4.40 -9.16
CA HIS E 99 -14.08 -5.34 -9.67
C HIS E 99 -14.14 -6.64 -8.89
N TYR E 100 -15.34 -7.01 -8.46
CA TYR E 100 -15.53 -8.26 -7.75
C TYR E 100 -15.28 -9.43 -8.72
N ILE E 101 -15.84 -9.34 -9.93
CA ILE E 101 -15.61 -10.34 -10.97
C ILE E 101 -15.39 -9.62 -12.31
N SER E 102 -14.33 -10.00 -13.01
CA SER E 102 -14.02 -9.37 -14.29
C SER E 102 -15.11 -9.67 -15.31
N PRO E 103 -15.35 -8.74 -16.25
CA PRO E 103 -14.64 -7.46 -16.38
C PRO E 103 -15.12 -6.44 -15.37
N PRO E 104 -14.19 -5.60 -14.88
CA PRO E 104 -14.59 -4.49 -14.03
C PRO E 104 -15.50 -3.54 -14.80
N THR E 105 -16.55 -3.01 -14.17
CA THR E 105 -17.48 -2.16 -14.89
C THR E 105 -17.82 -0.88 -14.14
N PHE E 106 -18.00 0.20 -14.90
CA PHE E 106 -18.27 1.53 -14.35
C PHE E 106 -19.76 1.87 -14.34
N GLY E 107 -20.15 2.73 -13.40
CA GLY E 107 -21.45 3.35 -13.47
C GLY E 107 -21.44 4.38 -14.60
N ALA E 108 -22.62 4.89 -14.95
CA ALA E 108 -22.76 5.82 -16.06
C ALA E 108 -22.14 7.18 -15.75
N GLY E 109 -21.90 7.43 -14.46
CA GLY E 109 -21.28 8.66 -14.03
C GLY E 109 -22.25 9.66 -13.42
N THR E 110 -21.69 10.62 -12.68
CA THR E 110 -22.48 11.69 -12.11
C THR E 110 -21.77 13.02 -12.33
N LYS E 111 -22.41 13.91 -13.07
CA LYS E 111 -21.87 15.25 -13.27
C LYS E 111 -22.29 16.16 -12.12
N LEU E 112 -21.30 16.76 -11.45
CA LEU E 112 -21.55 17.67 -10.34
C LEU E 112 -21.20 19.11 -10.73
N GLU E 113 -22.16 20.01 -10.59
CA GLU E 113 -21.96 21.43 -10.88
C GLU E 113 -22.24 22.29 -9.65
N LEU E 114 -21.58 23.45 -9.56
CA LEU E 114 -21.75 24.33 -8.40
C LEU E 114 -22.41 25.64 -8.77
N LYS E 115 -23.16 26.21 -7.82
CA LYS E 115 -23.77 27.52 -7.98
C LYS E 115 -23.40 28.45 -6.82
N GLY F 3 -31.42 -18.09 1.40
CA GLY F 3 -31.27 -19.15 2.37
C GLY F 3 -31.46 -20.53 1.77
N SER F 4 -30.74 -20.80 0.67
CA SER F 4 -30.82 -22.09 -0.01
C SER F 4 -29.44 -22.73 -0.11
N HIS F 5 -29.40 -24.04 -0.31
CA HIS F 5 -28.14 -24.76 -0.46
C HIS F 5 -27.52 -24.39 -1.81
N LEU F 6 -28.35 -24.37 -2.83
CA LEU F 6 -27.93 -23.98 -4.16
C LEU F 6 -27.40 -22.55 -4.15
N GLU F 7 -28.04 -21.69 -3.36
CA GLU F 7 -27.62 -20.31 -3.22
C GLU F 7 -26.21 -20.27 -2.61
N GLN F 8 -25.97 -21.15 -1.64
CA GLN F 8 -24.70 -21.19 -0.94
C GLN F 8 -23.58 -21.63 -1.88
N LEU F 9 -23.87 -22.60 -2.72
CA LEU F 9 -22.90 -23.12 -3.68
C LEU F 9 -22.50 -22.05 -4.68
N LEU F 10 -23.50 -21.33 -5.18
CA LEU F 10 -23.29 -20.26 -6.14
C LEU F 10 -22.34 -19.20 -5.56
N MET F 11 -22.60 -18.83 -4.30
CA MET F 11 -21.77 -17.86 -3.61
C MET F 11 -20.33 -18.31 -3.50
N ASP F 12 -20.13 -19.57 -3.12
CA ASP F 12 -18.79 -20.10 -2.94
C ASP F 12 -18.04 -20.17 -4.27
N LEU F 13 -18.74 -20.54 -5.34
CA LEU F 13 -18.12 -20.60 -6.66
C LEU F 13 -17.71 -19.20 -7.12
N GLN F 14 -18.61 -18.25 -6.97
CA GLN F 14 -18.30 -16.90 -7.39
C GLN F 14 -17.16 -16.33 -6.56
N GLU F 15 -17.08 -16.73 -5.29
CA GLU F 15 -16.00 -16.28 -4.43
C GLU F 15 -14.67 -16.80 -4.92
N LEU F 16 -14.65 -18.08 -5.28
CA LEU F 16 -13.47 -18.67 -5.86
C LEU F 16 -13.07 -17.93 -7.13
N LEU F 17 -14.05 -17.74 -8.01
CA LEU F 17 -13.81 -17.03 -9.27
C LEU F 17 -13.27 -15.63 -9.01
N SER F 18 -13.86 -14.96 -8.02
CA SER F 18 -13.44 -13.61 -7.65
C SER F 18 -11.96 -13.53 -7.27
N ARG F 19 -11.51 -14.47 -6.42
CA ARG F 19 -10.12 -14.48 -5.95
C ARG F 19 -9.15 -14.64 -7.11
N MET F 20 -9.50 -15.52 -8.04
CA MET F 20 -8.63 -15.82 -9.15
C MET F 20 -8.59 -14.69 -10.18
N GLU F 21 -9.57 -13.78 -10.13
CA GLU F 21 -9.58 -12.65 -11.03
C GLU F 21 -9.00 -11.38 -10.39
N ASN F 22 -8.76 -11.42 -9.08
CA ASN F 22 -8.26 -10.25 -8.37
C ASN F 22 -6.84 -10.40 -7.82
N TYR F 23 -6.42 -11.63 -7.56
CA TYR F 23 -5.09 -11.86 -7.00
C TYR F 23 -4.09 -12.20 -8.10
N ARG F 24 -3.10 -11.32 -8.23
CA ARG F 24 -2.12 -11.40 -9.32
C ARG F 24 -1.38 -12.72 -9.40
N ASN F 25 -1.02 -13.29 -8.25
CA ASN F 25 -0.16 -14.46 -8.21
C ASN F 25 -0.92 -15.77 -8.43
N LEU F 26 -2.23 -15.69 -8.63
CA LEU F 26 -3.03 -16.87 -8.95
C LEU F 26 -3.07 -17.08 -10.45
N LYS F 27 -1.91 -17.40 -11.03
CA LYS F 27 -1.78 -17.49 -12.47
C LYS F 27 -2.21 -18.83 -13.03
N LEU F 28 -1.88 -19.91 -12.33
CA LEU F 28 -2.25 -21.25 -12.77
C LEU F 28 -3.75 -21.40 -13.06
N PRO F 29 -4.62 -20.97 -12.14
CA PRO F 29 -6.05 -21.14 -12.47
C PRO F 29 -6.53 -20.24 -13.61
N ARG F 30 -5.63 -19.42 -14.15
CA ARG F 30 -5.99 -18.45 -15.16
C ARG F 30 -5.38 -18.77 -16.53
N MET F 31 -4.26 -19.49 -16.54
CA MET F 31 -3.45 -19.62 -17.76
C MET F 31 -3.33 -21.02 -18.34
N LEU F 32 -3.52 -22.04 -17.50
CA LEU F 32 -3.32 -23.41 -17.95
C LEU F 32 -4.64 -24.16 -18.08
N THR F 33 -4.81 -24.90 -19.18
CA THR F 33 -6.04 -25.65 -19.37
C THR F 33 -5.92 -27.10 -18.90
N PHE F 34 -7.00 -27.61 -18.31
CA PHE F 34 -7.09 -29.00 -17.92
C PHE F 34 -8.32 -29.63 -18.57
N LYS F 35 -8.39 -30.96 -18.55
CA LYS F 35 -9.60 -31.67 -18.96
C LYS F 35 -10.60 -31.74 -17.82
N PHE F 36 -11.69 -30.96 -17.94
CA PHE F 36 -12.71 -30.88 -16.90
C PHE F 36 -14.08 -31.41 -17.34
N TYR F 37 -14.90 -31.78 -16.36
CA TYR F 37 -16.32 -32.05 -16.61
C TYR F 37 -17.06 -30.71 -16.69
N LEU F 38 -17.65 -30.43 -17.84
CA LEU F 38 -18.41 -29.19 -17.99
C LEU F 38 -19.89 -29.50 -18.22
N PRO F 39 -20.78 -28.62 -17.75
CA PRO F 39 -22.22 -28.83 -17.93
C PRO F 39 -22.70 -28.45 -19.34
N LYS F 40 -23.58 -29.27 -19.90
CA LYS F 40 -24.16 -28.99 -21.21
C LYS F 40 -25.50 -28.28 -21.05
N GLN F 41 -26.34 -28.36 -22.07
CA GLN F 41 -27.68 -27.82 -21.98
C GLN F 41 -28.48 -28.61 -20.94
N ALA F 42 -28.17 -29.90 -20.83
CA ALA F 42 -28.77 -30.77 -19.82
C ALA F 42 -28.41 -30.30 -18.42
N THR F 43 -29.44 -30.08 -17.59
CA THR F 43 -29.27 -29.44 -16.30
C THR F 43 -30.10 -30.12 -15.22
N GLU F 44 -29.42 -30.84 -14.32
CA GLU F 44 -30.09 -31.57 -13.26
C GLU F 44 -29.20 -31.68 -12.02
N LEU F 45 -29.82 -31.71 -10.84
CA LEU F 45 -29.08 -31.78 -9.58
C LEU F 45 -28.20 -33.02 -9.45
N LYS F 46 -28.62 -34.12 -10.08
CA LYS F 46 -27.81 -35.33 -10.10
C LYS F 46 -26.45 -35.05 -10.74
N ASP F 47 -26.44 -34.17 -11.74
CA ASP F 47 -25.22 -33.87 -12.49
C ASP F 47 -24.12 -33.23 -11.65
N LEU F 48 -24.41 -32.91 -10.40
CA LEU F 48 -23.43 -32.28 -9.52
C LEU F 48 -22.37 -33.27 -9.05
N GLN F 49 -22.59 -34.56 -9.27
CA GLN F 49 -21.57 -35.56 -8.99
C GLN F 49 -20.34 -35.24 -9.83
N CYS F 50 -20.58 -34.78 -11.05
CA CYS F 50 -19.51 -34.34 -11.92
C CYS F 50 -18.69 -33.25 -11.27
N LEU F 51 -19.36 -32.33 -10.59
CA LEU F 51 -18.67 -31.25 -9.90
C LEU F 51 -17.90 -31.80 -8.71
N GLU F 52 -18.50 -32.75 -7.99
CA GLU F 52 -17.85 -33.31 -6.82
C GLU F 52 -16.57 -34.06 -7.20
N ASP F 53 -16.57 -34.68 -8.38
CA ASP F 53 -15.42 -35.45 -8.83
C ASP F 53 -14.22 -34.56 -9.13
N GLU F 54 -14.47 -33.27 -9.33
CA GLU F 54 -13.40 -32.32 -9.65
C GLU F 54 -12.86 -31.61 -8.41
N LEU F 55 -13.49 -31.83 -7.26
CA LEU F 55 -13.08 -31.16 -6.03
C LEU F 55 -11.70 -31.60 -5.57
N GLY F 56 -11.37 -32.86 -5.82
CA GLY F 56 -10.03 -33.37 -5.56
C GLY F 56 -8.96 -32.53 -6.23
N PRO F 57 -8.98 -32.47 -7.57
CA PRO F 57 -8.09 -31.60 -8.35
C PRO F 57 -8.12 -30.13 -7.92
N LEU F 58 -9.31 -29.62 -7.65
CA LEU F 58 -9.48 -28.22 -7.31
C LEU F 58 -8.77 -27.87 -6.00
N ARG F 59 -8.80 -28.78 -5.05
CA ARG F 59 -8.10 -28.57 -3.78
C ARG F 59 -6.61 -28.43 -4.03
N HIS F 60 -6.06 -29.34 -4.83
CA HIS F 60 -4.64 -29.33 -5.17
C HIS F 60 -4.24 -28.05 -5.87
N VAL F 61 -5.12 -27.52 -6.72
CA VAL F 61 -4.89 -26.25 -7.39
C VAL F 61 -4.69 -25.16 -6.35
N LEU F 62 -5.60 -25.08 -5.38
CA LEU F 62 -5.52 -24.06 -4.36
C LEU F 62 -4.34 -24.28 -3.42
N ASP F 63 -4.13 -25.52 -3.01
CA ASP F 63 -2.99 -25.88 -2.16
C ASP F 63 -1.67 -25.51 -2.83
N LEU F 64 -1.58 -25.79 -4.13
CA LEU F 64 -0.37 -25.48 -4.90
C LEU F 64 -0.11 -23.99 -4.96
N THR F 65 -1.15 -23.24 -5.30
CA THR F 65 -1.05 -21.80 -5.42
C THR F 65 -0.75 -21.19 -4.05
N GLN F 66 -1.29 -21.81 -3.00
CA GLN F 66 -1.06 -21.41 -1.61
C GLN F 66 0.43 -21.33 -1.28
N SER F 67 1.17 -22.36 -1.65
CA SER F 67 2.58 -22.48 -1.31
C SER F 67 3.48 -21.44 -1.97
N LYS F 68 3.06 -20.91 -3.12
CA LYS F 68 3.88 -19.96 -3.88
C LYS F 68 3.43 -18.52 -3.66
N SER F 69 2.19 -18.35 -3.21
CA SER F 69 1.66 -17.06 -2.82
C SER F 69 0.94 -17.20 -1.49
N PHE F 70 1.49 -16.59 -0.44
CA PHE F 70 1.01 -16.81 0.92
C PHE F 70 -0.30 -16.06 1.24
N GLN F 71 -1.26 -16.27 0.35
CA GLN F 71 -2.63 -15.85 0.55
C GLN F 71 -3.39 -17.17 0.48
N LEU F 72 -4.71 -17.14 0.57
CA LEU F 72 -5.53 -18.34 0.41
C LEU F 72 -5.36 -19.38 1.54
N GLU F 73 -5.03 -18.94 2.74
CA GLU F 73 -4.84 -19.86 3.87
C GLU F 73 -6.02 -20.82 4.10
N ASP F 74 -7.22 -20.42 3.67
CA ASP F 74 -8.42 -21.22 3.96
C ASP F 74 -8.79 -22.13 2.80
N ALA F 75 -7.78 -22.62 2.09
CA ALA F 75 -7.99 -23.49 0.94
C ALA F 75 -8.77 -24.74 1.34
N GLU F 76 -8.37 -25.34 2.45
CA GLU F 76 -8.94 -26.61 2.87
C GLU F 76 -10.44 -26.51 3.14
N ASN F 77 -10.81 -25.67 4.09
CA ASN F 77 -12.22 -25.55 4.49
C ASN F 77 -13.08 -24.90 3.41
N PHE F 78 -12.43 -24.31 2.41
CA PHE F 78 -13.17 -23.83 1.24
C PHE F 78 -13.73 -25.01 0.45
N ILE F 79 -12.86 -25.96 0.09
CA ILE F 79 -13.27 -27.16 -0.62
C ILE F 79 -14.23 -27.99 0.23
N SER F 80 -13.94 -28.05 1.53
CA SER F 80 -14.78 -28.80 2.45
C SER F 80 -16.21 -28.28 2.47
N ASN F 81 -16.35 -26.96 2.51
CA ASN F 81 -17.67 -26.34 2.48
C ASN F 81 -18.42 -26.69 1.20
N ILE F 82 -17.73 -26.60 0.06
CA ILE F 82 -18.35 -26.87 -1.22
C ILE F 82 -18.79 -28.33 -1.30
N ARG F 83 -17.95 -29.23 -0.78
CA ARG F 83 -18.23 -30.66 -0.85
C ARG F 83 -19.47 -31.04 -0.04
N VAL F 84 -19.64 -30.43 1.12
CA VAL F 84 -20.75 -30.79 2.00
C VAL F 84 -22.04 -30.20 1.41
N THR F 85 -21.90 -29.17 0.59
CA THR F 85 -23.08 -28.56 -0.03
C THR F 85 -23.52 -29.34 -1.26
N VAL F 86 -22.56 -29.86 -2.04
CA VAL F 86 -22.91 -30.59 -3.26
C VAL F 86 -23.51 -31.95 -2.94
N VAL F 87 -23.09 -32.55 -1.82
CA VAL F 87 -23.61 -33.86 -1.45
C VAL F 87 -25.09 -33.75 -1.05
N LYS F 88 -25.46 -32.61 -0.46
CA LYS F 88 -26.85 -32.36 -0.10
C LYS F 88 -27.71 -32.15 -1.35
N LEU F 89 -27.17 -31.39 -2.29
CA LEU F 89 -27.90 -31.03 -3.50
C LEU F 89 -28.09 -32.23 -4.42
N LYS F 90 -27.12 -33.14 -4.39
CA LYS F 90 -27.10 -34.34 -5.23
C LYS F 90 -28.34 -35.21 -5.06
N GLY F 91 -28.97 -35.10 -3.89
CA GLY F 91 -30.16 -35.88 -3.58
C GLY F 91 -29.82 -37.27 -3.07
N SER F 92 -30.84 -38.01 -2.68
CA SER F 92 -30.67 -39.36 -2.16
C SER F 92 -30.65 -40.37 -3.30
N ASP F 93 -29.45 -40.86 -3.62
CA ASP F 93 -29.27 -41.82 -4.69
C ASP F 93 -27.91 -42.49 -4.51
N ASN F 94 -27.77 -43.71 -5.02
CA ASN F 94 -26.45 -44.31 -5.12
C ASN F 94 -25.66 -43.40 -6.03
N THR F 95 -24.37 -43.21 -5.75
CA THR F 95 -23.57 -42.28 -6.53
C THR F 95 -23.62 -42.67 -8.00
N PHE F 96 -23.99 -41.71 -8.84
CA PHE F 96 -24.21 -41.98 -10.25
C PHE F 96 -22.99 -41.50 -11.01
N GLU F 97 -22.33 -42.42 -11.71
CA GLU F 97 -21.14 -42.10 -12.49
C GLU F 97 -21.42 -40.91 -13.40
N CYS F 98 -20.50 -39.94 -13.40
CA CYS F 98 -20.68 -38.74 -14.21
C CYS F 98 -20.79 -39.11 -15.68
N GLN F 99 -21.88 -38.69 -16.30
CA GLN F 99 -22.17 -39.02 -17.70
C GLN F 99 -21.80 -37.88 -18.64
N PHE F 100 -20.97 -36.96 -18.16
CA PHE F 100 -20.63 -35.79 -18.96
C PHE F 100 -19.42 -36.02 -19.84
N ASP F 101 -19.38 -35.27 -20.94
CA ASP F 101 -18.23 -35.25 -21.82
C ASP F 101 -17.03 -34.63 -21.14
N ASP F 102 -15.85 -35.01 -21.62
CA ASP F 102 -14.60 -34.52 -21.06
C ASP F 102 -14.06 -33.39 -21.92
N GLU F 103 -14.04 -32.18 -21.37
CA GLU F 103 -13.71 -30.98 -22.14
C GLU F 103 -12.51 -30.23 -21.55
N SER F 104 -11.80 -29.51 -22.39
CA SER F 104 -10.56 -28.84 -21.98
C SER F 104 -10.80 -27.37 -21.67
N ALA F 105 -10.44 -26.95 -20.46
CA ALA F 105 -10.70 -25.56 -20.03
C ALA F 105 -9.84 -25.13 -18.84
N THR F 106 -9.73 -23.81 -18.66
CA THR F 106 -9.05 -23.25 -17.49
C THR F 106 -9.96 -23.32 -16.29
N VAL F 107 -9.39 -23.16 -15.09
CA VAL F 107 -10.18 -23.21 -13.86
C VAL F 107 -11.19 -22.07 -13.82
N VAL F 108 -10.79 -20.90 -14.31
CA VAL F 108 -11.68 -19.76 -14.38
C VAL F 108 -12.88 -20.12 -15.25
N ASP F 109 -12.61 -20.58 -16.46
CA ASP F 109 -13.68 -20.97 -17.39
C ASP F 109 -14.52 -22.09 -16.80
N PHE F 110 -13.86 -22.97 -16.06
CA PHE F 110 -14.52 -24.06 -15.36
C PHE F 110 -15.53 -23.50 -14.36
N LEU F 111 -15.08 -22.55 -13.54
CA LEU F 111 -15.95 -21.94 -12.54
C LEU F 111 -17.11 -21.18 -13.19
N ARG F 112 -16.82 -20.38 -14.20
CA ARG F 112 -17.85 -19.57 -14.85
C ARG F 112 -18.99 -20.42 -15.42
N ARG F 113 -18.67 -21.61 -15.91
CA ARG F 113 -19.69 -22.42 -16.54
C ARG F 113 -20.56 -23.14 -15.52
N TRP F 114 -19.97 -23.51 -14.39
CA TRP F 114 -20.75 -24.13 -13.30
C TRP F 114 -21.54 -23.08 -12.55
N ILE F 115 -21.07 -21.84 -12.58
CA ILE F 115 -21.82 -20.73 -12.01
C ILE F 115 -23.09 -20.54 -12.82
N ALA F 116 -22.93 -20.44 -14.14
CA ALA F 116 -24.06 -20.28 -15.05
C ALA F 116 -25.03 -21.45 -14.92
N PHE F 117 -24.49 -22.61 -14.60
CA PHE F 117 -25.30 -23.80 -14.37
C PHE F 117 -26.25 -23.59 -13.20
N CYS F 118 -25.70 -23.12 -12.08
CA CYS F 118 -26.49 -22.88 -10.88
C CYS F 118 -27.59 -21.83 -11.11
N GLN F 119 -27.22 -20.73 -11.75
CA GLN F 119 -28.13 -19.64 -12.03
C GLN F 119 -29.32 -20.07 -12.88
N SER F 120 -29.10 -21.03 -13.78
CA SER F 120 -30.18 -21.53 -14.63
C SER F 120 -31.21 -22.32 -13.84
N ILE F 121 -30.75 -23.11 -12.87
CA ILE F 121 -31.66 -23.86 -12.03
C ILE F 121 -32.57 -22.91 -11.25
N ILE F 122 -31.96 -21.90 -10.63
CA ILE F 122 -32.67 -20.91 -9.85
C ILE F 122 -33.81 -20.31 -10.65
N SER F 123 -33.54 -20.02 -11.92
CA SER F 123 -34.52 -19.40 -12.81
C SER F 123 -35.76 -20.26 -13.04
N THR F 124 -35.57 -21.56 -13.18
CA THR F 124 -36.66 -22.46 -13.51
C THR F 124 -37.63 -22.65 -12.35
N SER F 125 -37.16 -22.47 -11.13
CA SER F 125 -38.01 -22.66 -9.96
C SER F 125 -38.57 -21.34 -9.45
#